data_6ECK
#
_entry.id   6ECK
#
_cell.length_a   97.774
_cell.length_b   111.843
_cell.length_c   127.507
_cell.angle_alpha   90.000
_cell.angle_beta   90.000
_cell.angle_gamma   90.000
#
_symmetry.space_group_name_H-M   'P 21 21 2'
#
loop_
_entity.id
_entity.type
_entity.pdbx_description
1 polymer 'Pyruvate kinase PKLR'
2 non-polymer 1,6-di-O-phosphono-beta-D-fructofuranose
3 non-polymer GLYCEROL
4 non-polymer DI(HYDROXYETHYL)ETHER
5 non-polymer 1,2-ETHANEDIOL
6 non-polymer 'CITRATE ANION'
7 non-polymer 'TRIETHYLENE GLYCOL'
8 water water
#
_entity_poly.entity_id   1
_entity_poly.type   'polypeptide(L)'
_entity_poly.pdbx_seq_one_letter_code
;HMEGPAGYLRRASVAQLTQELGTAFFQQQQLPAAMADTFLEHLCLLDIDSQPVAARSTSIIATIGPASRSVDRLKEMIKA
GMNIARLNFSHGSHEYHAESIANIREATESFAT(SEP)PLSYRPVAIALDTKGPEIRTGVLQGGPESEVEIVKGSQVLVT
VDPKFQTRGDAKTVWVDYHNITRVVAVGGRIYIDDGLISLVVQKIGPEGLVTEVEHGGILGSRKGVNLPNTEVDLPGLSE
QDLLDLRFGVQHNVDIIFASFVRKASDVLAVRDALGPEGQNIKIISKIENHEGVKKFDEILEVSDGIMVARGDLGIEIPA
EKVFLAQKMMIGRCNLAGKPVVCATQMLESMITKARPTRAETSDVANAVLDGADCIMLSGETAKGSFPVEAVMMQHAIAR
EAEAAVYHRQLFEELRRAAPLSRDPTEVTAIGAVEASFKCCAAAIIVLTKTGRSAQLLSQYRPRAAVIAVTRSAQAARQV
HLSRGVFPLLYREPPEAIWADDVDRRVQFGIESGKLRGFLRVGDLVIVVTGWRPGSGYTNIMRVLSVSHHHHHH
;
_entity_poly.pdbx_strand_id   A,B
#
loop_
_chem_comp.id
_chem_comp.type
_chem_comp.name
_chem_comp.formula
EDO non-polymer 1,2-ETHANEDIOL 'C2 H6 O2'
FBP D-saccharide, beta linking 1,6-di-O-phosphono-beta-D-fructofuranose 'C6 H14 O12 P2'
FLC non-polymer 'CITRATE ANION' 'C6 H5 O7 -3'
GOL non-polymer GLYCEROL 'C3 H8 O3'
PEG non-polymer DI(HYDROXYETHYL)ETHER 'C4 H10 O3'
PGE non-polymer 'TRIETHYLENE GLYCOL' 'C6 H14 O4'
#
# COMPACT_ATOMS: atom_id res chain seq x y z
N VAL A 14 -12.10 1.03 11.29
CA VAL A 14 -12.88 -0.25 11.40
C VAL A 14 -14.31 -0.04 11.95
N ALA A 15 -14.60 1.12 12.58
CA ALA A 15 -15.90 1.34 13.26
C ALA A 15 -17.09 1.17 12.31
N GLN A 16 -16.88 1.35 10.99
CA GLN A 16 -17.96 1.50 9.97
C GLN A 16 -18.34 0.16 9.32
N LEU A 17 -17.34 -0.70 9.08
CA LEU A 17 -17.61 -2.05 8.62
C LEU A 17 -18.25 -2.86 9.74
N THR A 18 -18.06 -2.44 11.00
CA THR A 18 -18.62 -3.15 12.18
C THR A 18 -20.11 -2.83 12.35
N GLN A 19 -20.57 -1.73 11.72
CA GLN A 19 -22.00 -1.39 11.69
C GLN A 19 -22.66 -1.98 10.43
N GLU A 20 -21.83 -2.27 9.41
CA GLU A 20 -22.25 -2.75 8.08
C GLU A 20 -22.17 -4.29 8.01
N LEU A 21 -21.04 -4.88 8.42
CA LEU A 21 -20.72 -6.33 8.29
C LEU A 21 -21.02 -7.11 9.59
N GLY A 22 -21.28 -6.40 10.70
CA GLY A 22 -21.63 -7.03 11.99
C GLY A 22 -20.42 -7.15 12.90
N THR A 23 -20.66 -6.94 14.20
CA THR A 23 -19.58 -6.90 15.19
C THR A 23 -18.72 -8.15 15.03
N ALA A 24 -19.36 -9.27 14.68
CA ALA A 24 -18.76 -10.58 14.73
C ALA A 24 -17.85 -10.83 13.51
N PHE A 25 -18.01 -10.05 12.42
CA PHE A 25 -17.10 -10.16 11.28
C PHE A 25 -15.65 -9.93 11.73
N PHE A 26 -15.45 -8.96 12.63
CA PHE A 26 -14.13 -8.57 13.10
C PHE A 26 -13.69 -9.42 14.31
N GLN A 27 -14.42 -10.50 14.63
CA GLN A 27 -13.98 -11.42 15.69
C GLN A 27 -13.27 -12.63 15.05
N GLN A 28 -13.54 -12.88 13.77
CA GLN A 28 -12.98 -13.96 13.01
C GLN A 28 -11.69 -13.54 12.28
N GLN A 29 -10.98 -14.54 11.75
CA GLN A 29 -9.80 -14.39 10.88
C GLN A 29 -8.63 -13.71 11.59
N GLN A 30 -8.60 -13.78 12.92
CA GLN A 30 -7.64 -13.06 13.74
C GLN A 30 -7.59 -11.61 13.33
N LEU A 31 -8.77 -11.02 13.07
CA LEU A 31 -8.80 -9.65 12.65
C LEU A 31 -8.42 -8.71 13.79
N PRO A 32 -8.77 -8.93 15.07
CA PRO A 32 -8.30 -8.04 16.14
C PRO A 32 -6.77 -8.01 16.17
N ALA A 33 -6.12 -9.17 16.04
CA ALA A 33 -4.65 -9.24 15.97
C ALA A 33 -4.09 -8.61 14.67
N ALA A 34 -4.84 -8.65 13.56
CA ALA A 34 -4.38 -8.05 12.27
C ALA A 34 -4.21 -6.55 12.39
N MET A 35 -4.97 -5.92 13.29
CA MET A 35 -5.11 -4.43 13.43
C MET A 35 -4.13 -3.86 14.46
N ALA A 36 -3.32 -4.72 15.10
CA ALA A 36 -2.32 -4.31 16.05
C ALA A 36 -1.18 -3.55 15.38
N ASP A 37 -0.47 -2.75 16.16
CA ASP A 37 0.50 -1.80 15.65
C ASP A 37 1.93 -2.31 15.86
N THR A 38 2.12 -3.34 16.70
CA THR A 38 3.40 -4.03 16.81
C THR A 38 3.20 -5.55 16.69
N PHE A 39 4.32 -6.23 16.41
CA PHE A 39 4.32 -7.62 16.34
C PHE A 39 3.96 -8.16 17.72
N LEU A 40 4.59 -7.63 18.76
CA LEU A 40 4.27 -8.04 20.12
C LEU A 40 2.79 -7.93 20.40
N GLU A 41 2.19 -6.78 20.09
CA GLU A 41 0.75 -6.60 20.42
C GLU A 41 -0.07 -7.56 19.55
N HIS A 42 0.38 -7.72 18.31
CA HIS A 42 -0.22 -8.69 17.46
C HIS A 42 -0.31 -10.02 18.19
N LEU A 43 0.80 -10.45 18.79
CA LEU A 43 0.87 -11.78 19.37
C LEU A 43 -0.13 -11.84 20.52
N CYS A 44 -0.15 -10.80 21.38
CA CYS A 44 -1.06 -10.76 22.54
C CYS A 44 -2.53 -10.85 22.16
N LEU A 45 -2.92 -10.41 20.96
CA LEU A 45 -4.36 -10.36 20.60
C LEU A 45 -4.88 -11.61 19.88
N LEU A 46 -3.97 -12.53 19.55
CA LEU A 46 -4.36 -13.81 18.94
C LEU A 46 -5.39 -14.54 19.85
N ASP A 47 -6.44 -15.11 19.25
CA ASP A 47 -7.62 -15.58 19.99
C ASP A 47 -8.03 -16.95 19.48
N ILE A 48 -8.08 -17.92 20.38
CA ILE A 48 -8.38 -19.25 20.01
C ILE A 48 -9.84 -19.38 19.56
N ASP A 49 -10.68 -18.38 19.86
CA ASP A 49 -12.13 -18.43 19.48
C ASP A 49 -12.35 -17.72 18.14
N SER A 50 -11.30 -17.11 17.61
CA SER A 50 -11.36 -16.46 16.35
C SER A 50 -11.19 -17.50 15.23
N GLN A 51 -12.28 -17.70 14.48
CA GLN A 51 -12.39 -18.83 13.56
C GLN A 51 -11.83 -18.44 12.20
N PRO A 52 -10.98 -19.29 11.58
CA PRO A 52 -10.50 -19.05 10.24
C PRO A 52 -11.70 -19.20 9.29
N VAL A 53 -11.76 -18.34 8.28
CA VAL A 53 -12.95 -18.20 7.47
C VAL A 53 -12.47 -18.37 6.02
N ALA A 54 -11.38 -17.70 5.70
CA ALA A 54 -10.67 -17.92 4.48
C ALA A 54 -10.50 -19.41 4.19
N ALA A 55 -10.34 -19.67 2.88
CA ALA A 55 -9.84 -20.92 2.32
C ALA A 55 -8.35 -21.08 2.67
N ARG A 56 -7.83 -22.30 2.56
CA ARG A 56 -6.51 -22.60 3.01
C ARG A 56 -5.55 -22.38 1.86
N SER A 57 -4.55 -21.57 2.12
CA SER A 57 -3.71 -21.08 1.10
C SER A 57 -2.40 -21.89 0.99
N THR A 58 -1.99 -22.60 2.05
CA THR A 58 -0.71 -23.28 2.04
C THR A 58 -0.95 -24.63 1.39
N SER A 59 -0.37 -24.87 0.21
CA SER A 59 -0.58 -26.16 -0.46
C SER A 59 -0.04 -27.32 0.38
N ILE A 60 -0.74 -28.45 0.27
CA ILE A 60 -0.32 -29.67 0.92
C ILE A 60 0.27 -30.61 -0.14
N ILE A 61 1.47 -31.11 0.13
CA ILE A 61 2.10 -32.13 -0.72
C ILE A 61 2.09 -33.47 0.03
N ALA A 62 1.59 -34.50 -0.65
CA ALA A 62 1.49 -35.84 -0.11
C ALA A 62 2.32 -36.78 -0.98
N THR A 63 3.23 -37.52 -0.33
CA THR A 63 3.99 -38.59 -0.94
C THR A 63 3.08 -39.82 -1.12
N ILE A 64 2.97 -40.28 -2.37
CA ILE A 64 2.27 -41.52 -2.73
C ILE A 64 3.18 -42.72 -2.45
N GLY A 65 2.60 -43.74 -1.83
CA GLY A 65 3.19 -45.03 -1.50
C GLY A 65 2.10 -46.06 -1.24
N PRO A 66 2.39 -47.20 -0.58
CA PRO A 66 1.36 -48.22 -0.35
C PRO A 66 0.06 -47.73 0.35
N ALA A 67 0.17 -46.72 1.23
CA ALA A 67 -0.99 -46.28 2.02
C ALA A 67 -1.87 -45.26 1.27
N SER A 68 -1.50 -44.88 0.04
CA SER A 68 -2.12 -43.74 -0.63
C SER A 68 -2.05 -43.87 -2.16
N ARG A 69 -2.26 -45.08 -2.69
CA ARG A 69 -2.05 -45.35 -4.11
C ARG A 69 -3.32 -45.87 -4.77
N SER A 70 -4.25 -46.35 -3.96
CA SER A 70 -5.55 -46.77 -4.44
C SER A 70 -6.36 -45.55 -4.89
N VAL A 71 -7.12 -45.73 -5.97
CA VAL A 71 -8.00 -44.73 -6.53
C VAL A 71 -8.93 -44.19 -5.45
N ASP A 72 -9.49 -45.06 -4.62
CA ASP A 72 -10.42 -44.63 -3.52
C ASP A 72 -9.68 -43.88 -2.39
N ARG A 73 -8.43 -44.25 -2.10
CA ARG A 73 -7.62 -43.56 -1.09
C ARG A 73 -7.37 -42.14 -1.57
N LEU A 74 -6.83 -41.99 -2.79
CA LEU A 74 -6.58 -40.70 -3.47
C LEU A 74 -7.81 -39.77 -3.43
N LYS A 75 -9.02 -40.32 -3.65
CA LYS A 75 -10.25 -39.53 -3.66
C LYS A 75 -10.49 -38.90 -2.29
N GLU A 76 -10.16 -39.64 -1.23
CA GLU A 76 -10.29 -39.11 0.13
C GLU A 76 -9.14 -38.08 0.40
N MET A 77 -7.94 -38.36 -0.10
CA MET A 77 -6.77 -37.41 0.00
C MET A 77 -7.20 -36.06 -0.59
N ILE A 78 -7.74 -36.10 -1.82
CA ILE A 78 -8.11 -34.92 -2.57
C ILE A 78 -9.19 -34.17 -1.79
N LYS A 79 -10.12 -34.92 -1.17
CA LYS A 79 -11.22 -34.30 -0.46
C LYS A 79 -10.70 -33.63 0.81
N ALA A 80 -9.60 -34.17 1.34
CA ALA A 80 -9.05 -33.78 2.61
C ALA A 80 -8.19 -32.53 2.42
N GLY A 81 -7.57 -32.41 1.24
CA GLY A 81 -6.92 -31.16 0.79
C GLY A 81 -5.58 -31.33 0.08
N MET A 82 -5.16 -32.54 -0.24
CA MET A 82 -3.99 -32.76 -1.07
C MET A 82 -4.10 -31.99 -2.38
N ASN A 83 -3.04 -31.24 -2.67
CA ASN A 83 -2.94 -30.39 -3.80
C ASN A 83 -1.89 -30.89 -4.77
N ILE A 84 -0.86 -31.54 -4.26
CA ILE A 84 0.25 -31.96 -5.05
C ILE A 84 0.58 -33.38 -4.61
N ALA A 85 0.83 -34.26 -5.57
CA ALA A 85 1.19 -35.64 -5.29
C ALA A 85 2.67 -35.85 -5.59
N ARG A 86 3.41 -36.41 -4.64
CA ARG A 86 4.87 -36.56 -4.81
C ARG A 86 5.19 -38.02 -5.10
N LEU A 87 5.88 -38.24 -6.21
CA LEU A 87 6.38 -39.56 -6.58
C LEU A 87 7.86 -39.57 -6.21
N ASN A 88 8.20 -40.40 -5.22
CA ASN A 88 9.55 -40.55 -4.79
C ASN A 88 10.22 -41.68 -5.59
N PHE A 89 11.07 -41.32 -6.56
CA PHE A 89 11.76 -42.26 -7.46
C PHE A 89 13.02 -42.88 -6.81
N SER A 90 13.23 -42.61 -5.52
CA SER A 90 14.18 -43.35 -4.69
C SER A 90 13.65 -44.77 -4.37
N HIS A 91 12.34 -45.00 -4.52
CA HIS A 91 11.74 -46.32 -4.32
C HIS A 91 10.67 -46.58 -5.39
N GLY A 92 10.88 -47.61 -6.21
CA GLY A 92 9.87 -48.09 -7.13
C GLY A 92 10.32 -47.97 -8.57
N SER A 93 9.70 -48.79 -9.41
CA SER A 93 10.00 -48.88 -10.84
C SER A 93 9.10 -47.95 -11.63
N HIS A 94 9.41 -47.81 -12.91
CA HIS A 94 8.67 -46.94 -13.79
C HIS A 94 7.20 -47.35 -13.85
N GLU A 95 6.94 -48.65 -14.03
CA GLU A 95 5.57 -49.13 -14.17
C GLU A 95 4.81 -48.96 -12.84
N TYR A 96 5.49 -49.02 -11.70
CA TYR A 96 4.85 -48.77 -10.40
C TYR A 96 4.36 -47.33 -10.30
N HIS A 97 5.24 -46.41 -10.68
CA HIS A 97 4.96 -45.00 -10.65
C HIS A 97 3.92 -44.66 -11.72
N ALA A 98 4.10 -45.17 -12.94
CA ALA A 98 3.16 -44.91 -14.04
C ALA A 98 1.74 -45.26 -13.60
N GLU A 99 1.63 -46.25 -12.72
CA GLU A 99 0.36 -46.69 -12.17
C GLU A 99 -0.11 -45.74 -11.08
N SER A 100 0.84 -45.23 -10.27
CA SER A 100 0.53 -44.16 -9.30
C SER A 100 -0.10 -42.98 -10.04
N ILE A 101 0.48 -42.64 -11.18
CA ILE A 101 0.01 -41.53 -11.99
C ILE A 101 -1.41 -41.79 -12.49
N ALA A 102 -1.66 -42.96 -13.10
CA ALA A 102 -3.01 -43.26 -13.62
C ALA A 102 -4.01 -43.15 -12.46
N ASN A 103 -3.67 -43.75 -11.31
CA ASN A 103 -4.62 -43.76 -10.16
C ASN A 103 -4.92 -42.32 -9.68
N ILE A 104 -3.91 -41.43 -9.76
CA ILE A 104 -4.05 -40.08 -9.29
C ILE A 104 -4.97 -39.34 -10.26
N ARG A 105 -4.70 -39.46 -11.56
CA ARG A 105 -5.48 -38.80 -12.60
C ARG A 105 -6.90 -39.39 -12.63
N GLU A 106 -7.05 -40.67 -12.32
CA GLU A 106 -8.40 -41.25 -12.22
C GLU A 106 -9.17 -40.56 -11.07
N ALA A 107 -8.53 -40.46 -9.89
CA ALA A 107 -9.15 -39.83 -8.73
C ALA A 107 -9.47 -38.35 -9.03
N THR A 108 -8.45 -37.63 -9.47
CA THR A 108 -8.63 -36.23 -9.80
C THR A 108 -9.77 -36.06 -10.79
N GLU A 109 -9.68 -36.74 -11.95
CA GLU A 109 -10.60 -36.45 -13.05
C GLU A 109 -12.03 -36.95 -12.71
N SER A 110 -12.19 -37.74 -11.64
CA SER A 110 -13.51 -38.19 -11.14
C SER A 110 -14.41 -37.03 -10.67
N PHE A 111 -13.84 -35.84 -10.44
CA PHE A 111 -14.63 -34.67 -9.98
C PHE A 111 -14.89 -33.68 -11.12
N ALA A 112 -14.39 -33.95 -12.32
CA ALA A 112 -14.63 -33.15 -13.54
C ALA A 112 -16.13 -33.07 -13.84
N THR A 113 -16.89 -34.03 -13.32
CA THR A 113 -18.32 -34.10 -13.45
C THR A 113 -18.92 -32.73 -13.18
N SEP A 114 -18.44 -32.05 -12.13
CA SEP A 114 -18.89 -30.72 -11.75
CB SEP A 114 -19.49 -30.73 -10.37
OG SEP A 114 -19.84 -32.07 -10.09
C SEP A 114 -17.75 -29.70 -11.83
O SEP A 114 -16.99 -29.53 -10.86
P SEP A 114 -21.15 -32.40 -9.25
O1P SEP A 114 -22.15 -31.28 -9.45
O2P SEP A 114 -20.53 -32.44 -7.89
O3P SEP A 114 -21.64 -33.69 -9.92
N PRO A 115 -17.58 -28.99 -12.96
CA PRO A 115 -16.50 -28.03 -13.14
C PRO A 115 -16.30 -26.95 -12.04
N LEU A 116 -17.36 -26.63 -11.28
CA LEU A 116 -17.35 -25.47 -10.40
C LEU A 116 -16.67 -25.85 -9.08
N SER A 117 -16.48 -27.15 -8.82
CA SER A 117 -15.91 -27.63 -7.58
C SER A 117 -14.66 -28.51 -7.83
N TYR A 118 -14.25 -28.62 -9.08
CA TYR A 118 -13.11 -29.47 -9.49
C TYR A 118 -11.78 -28.86 -9.03
N ARG A 119 -10.95 -29.72 -8.42
CA ARG A 119 -9.72 -29.30 -7.81
C ARG A 119 -8.58 -29.88 -8.61
N PRO A 120 -7.79 -29.02 -9.28
CA PRO A 120 -6.59 -29.48 -9.95
C PRO A 120 -5.66 -30.13 -8.93
N VAL A 121 -5.03 -31.27 -9.28
CA VAL A 121 -4.00 -31.92 -8.47
C VAL A 121 -2.73 -32.01 -9.31
N ALA A 122 -1.62 -31.47 -8.79
CA ALA A 122 -0.38 -31.44 -9.47
C ALA A 122 0.31 -32.75 -9.14
N ILE A 123 1.29 -33.11 -9.98
CA ILE A 123 2.04 -34.31 -9.82
C ILE A 123 3.51 -33.96 -9.91
N ALA A 124 4.21 -34.26 -8.82
CA ALA A 124 5.59 -33.87 -8.62
C ALA A 124 6.47 -35.12 -8.63
N LEU A 125 7.51 -35.06 -9.44
CA LEU A 125 8.39 -36.14 -9.59
C LEU A 125 9.65 -35.80 -8.82
N ASP A 126 10.00 -36.68 -7.88
CA ASP A 126 11.09 -36.44 -6.99
C ASP A 126 12.25 -37.37 -7.39
N THR A 127 13.38 -36.80 -7.80
CA THR A 127 14.44 -37.58 -8.36
C THR A 127 15.13 -38.41 -7.29
N LYS A 128 15.79 -39.49 -7.75
CA LYS A 128 16.64 -40.35 -6.93
C LYS A 128 17.85 -39.53 -6.47
N GLY A 129 18.50 -38.84 -7.44
CA GLY A 129 19.65 -37.95 -7.22
C GLY A 129 20.92 -38.66 -6.70
N PRO A 130 22.04 -37.91 -6.55
CA PRO A 130 23.30 -38.45 -6.04
C PRO A 130 23.17 -39.27 -4.76
N GLU A 131 22.96 -40.56 -4.94
CA GLU A 131 22.70 -41.49 -3.87
C GLU A 131 23.98 -42.30 -3.63
N ILE A 132 24.14 -42.76 -2.38
CA ILE A 132 25.18 -43.66 -1.95
C ILE A 132 24.46 -44.74 -1.14
N ARG A 133 24.57 -46.00 -1.59
CA ARG A 133 23.85 -47.16 -1.05
C ARG A 133 24.85 -48.14 -0.43
N THR A 134 24.39 -48.89 0.60
CA THR A 134 25.14 -50.00 1.19
C THR A 134 24.93 -51.32 0.40
N GLY A 135 25.57 -52.40 0.87
CA GLY A 135 25.63 -53.68 0.14
C GLY A 135 24.44 -54.57 0.42
N VAL A 136 24.52 -55.84 -0.04
CA VAL A 136 23.45 -56.84 0.10
C VAL A 136 23.46 -57.44 1.52
N LEU A 137 24.58 -57.24 2.24
CA LEU A 137 24.67 -57.42 3.70
C LEU A 137 23.85 -58.64 4.13
N GLU A 142 20.29 -62.08 3.07
CA GLU A 142 20.12 -60.67 3.42
C GLU A 142 19.34 -60.54 4.75
N SER A 143 18.02 -60.33 4.66
CA SER A 143 17.16 -59.99 5.82
C SER A 143 17.76 -58.79 6.56
N GLU A 144 18.10 -58.95 7.86
CA GLU A 144 18.50 -57.84 8.73
C GLU A 144 19.44 -58.33 9.86
N VAL A 145 20.32 -57.44 10.31
CA VAL A 145 21.39 -57.70 11.30
C VAL A 145 21.50 -56.50 12.26
N GLU A 146 21.84 -56.77 13.54
CA GLU A 146 21.91 -55.79 14.63
C GLU A 146 23.29 -55.14 14.68
N ILE A 147 23.33 -53.80 14.76
CA ILE A 147 24.57 -53.01 14.86
C ILE A 147 24.55 -52.30 16.21
N VAL A 148 25.72 -52.20 16.85
CA VAL A 148 25.78 -52.01 18.28
C VAL A 148 26.61 -50.77 18.58
N LYS A 149 26.07 -49.89 19.43
CA LYS A 149 26.82 -48.72 19.87
C LYS A 149 28.07 -49.18 20.66
N GLY A 150 29.18 -48.40 20.53
CA GLY A 150 30.50 -48.63 21.13
C GLY A 150 31.44 -49.47 20.25
N SER A 151 30.88 -50.11 19.20
CA SER A 151 31.44 -51.30 18.52
C SER A 151 32.13 -50.92 17.20
N GLN A 152 33.11 -51.72 16.78
CA GLN A 152 34.03 -51.42 15.67
C GLN A 152 33.49 -52.03 14.38
N VAL A 153 33.15 -51.14 13.43
CA VAL A 153 32.61 -51.47 12.12
C VAL A 153 33.61 -51.00 11.06
N LEU A 154 33.62 -51.71 9.94
CA LEU A 154 34.51 -51.43 8.86
C LEU A 154 33.70 -51.03 7.65
N VAL A 155 34.27 -50.14 6.83
CA VAL A 155 33.65 -49.81 5.56
C VAL A 155 34.67 -50.12 4.47
N THR A 156 34.21 -50.80 3.42
CA THR A 156 35.08 -51.33 2.41
C THR A 156 34.43 -51.03 1.07
N VAL A 157 35.28 -50.93 0.05
CA VAL A 157 34.81 -50.76 -1.29
C VAL A 157 35.05 -52.06 -2.09
N ASP A 158 35.45 -53.14 -1.39
CA ASP A 158 35.92 -54.38 -2.02
C ASP A 158 34.77 -55.12 -2.71
N PRO A 159 34.75 -55.23 -4.06
CA PRO A 159 33.61 -55.80 -4.78
C PRO A 159 33.16 -57.19 -4.28
N LYS A 160 34.03 -57.92 -3.58
CA LYS A 160 33.70 -59.23 -3.00
C LYS A 160 32.70 -59.06 -1.85
N PHE A 161 32.83 -57.99 -1.07
CA PHE A 161 32.00 -57.78 0.12
C PHE A 161 30.64 -57.18 -0.26
N GLN A 162 30.48 -56.82 -1.54
CA GLN A 162 29.22 -56.27 -2.09
C GLN A 162 28.02 -57.14 -1.70
N THR A 163 28.29 -58.45 -1.53
CA THR A 163 27.30 -59.49 -1.31
C THR A 163 27.31 -59.93 0.17
N ARG A 164 28.43 -59.70 0.89
CA ARG A 164 28.55 -60.01 2.33
C ARG A 164 28.25 -58.74 3.14
N GLY A 165 28.06 -58.90 4.45
CA GLY A 165 27.79 -57.78 5.36
C GLY A 165 27.12 -58.21 6.65
N ASP A 166 27.50 -57.55 7.74
CA ASP A 166 27.31 -58.03 9.12
C ASP A 166 27.50 -56.88 10.11
N ALA A 167 27.34 -57.17 11.39
CA ALA A 167 27.53 -56.20 12.51
C ALA A 167 28.97 -55.67 12.57
N LYS A 168 29.84 -56.15 11.68
CA LYS A 168 31.25 -55.77 11.70
C LYS A 168 31.70 -55.18 10.35
N THR A 169 30.93 -55.37 9.28
CA THR A 169 31.35 -54.87 7.98
C THR A 169 30.15 -54.33 7.19
N VAL A 170 30.34 -53.10 6.67
CA VAL A 170 29.44 -52.47 5.71
C VAL A 170 30.20 -52.28 4.39
N TRP A 171 29.54 -52.61 3.29
CA TRP A 171 29.98 -52.24 1.94
C TRP A 171 29.17 -51.02 1.47
N VAL A 172 29.73 -50.24 0.55
CA VAL A 172 29.07 -49.07 0.05
C VAL A 172 29.61 -48.83 -1.37
N ASP A 173 28.76 -48.31 -2.26
CA ASP A 173 28.98 -48.31 -3.71
C ASP A 173 29.70 -47.04 -4.19
N TYR A 174 30.06 -46.15 -3.26
CA TYR A 174 30.89 -45.01 -3.62
C TYR A 174 32.37 -45.44 -3.51
N HIS A 175 33.00 -45.69 -4.66
CA HIS A 175 34.34 -46.29 -4.72
C HIS A 175 35.35 -45.43 -3.95
N ASN A 176 35.31 -44.11 -4.17
CA ASN A 176 36.30 -43.20 -3.67
C ASN A 176 35.99 -42.75 -2.24
N ILE A 177 35.16 -43.45 -1.48
CA ILE A 177 34.83 -42.97 -0.16
C ILE A 177 36.10 -42.73 0.66
N THR A 178 37.15 -43.53 0.46
CA THR A 178 38.40 -43.42 1.26
C THR A 178 39.12 -42.10 0.93
N ARG A 179 38.79 -41.50 -0.22
CA ARG A 179 39.44 -40.25 -0.64
C ARG A 179 38.69 -39.00 -0.15
N VAL A 180 37.55 -39.12 0.56
CA VAL A 180 36.74 -37.86 0.75
C VAL A 180 36.44 -37.59 2.22
N VAL A 181 36.57 -38.61 3.07
CA VAL A 181 36.23 -38.45 4.46
C VAL A 181 37.43 -37.90 5.21
N ALA A 182 37.20 -37.51 6.48
CA ALA A 182 38.22 -37.13 7.46
C ALA A 182 37.96 -37.91 8.73
N VAL A 183 39.03 -38.13 9.51
CA VAL A 183 38.98 -38.62 10.91
C VAL A 183 38.08 -37.73 11.77
N GLY A 184 37.11 -38.35 12.45
CA GLY A 184 36.12 -37.61 13.25
C GLY A 184 34.89 -37.19 12.44
N GLY A 185 34.92 -37.40 11.12
CA GLY A 185 33.75 -37.20 10.28
C GLY A 185 32.76 -38.32 10.51
N ARG A 186 31.51 -38.13 10.06
CA ARG A 186 30.52 -39.11 10.34
C ARG A 186 30.18 -39.86 9.05
N ILE A 187 29.81 -41.14 9.18
CA ILE A 187 29.09 -41.90 8.12
C ILE A 187 27.72 -42.31 8.69
N TYR A 188 26.66 -41.87 8.00
CA TYR A 188 25.28 -42.10 8.39
C TYR A 188 24.62 -43.03 7.37
N ILE A 189 23.93 -44.05 7.87
CA ILE A 189 23.29 -45.04 7.02
C ILE A 189 21.81 -45.14 7.43
N ASP A 190 20.97 -45.28 6.39
CA ASP A 190 19.50 -45.48 6.44
C ASP A 190 18.85 -44.24 7.06
N ASP A 191 18.57 -43.24 6.22
CA ASP A 191 17.94 -42.01 6.70
C ASP A 191 18.48 -41.71 8.10
N GLY A 192 19.79 -41.91 8.28
CA GLY A 192 20.52 -41.38 9.40
C GLY A 192 20.28 -42.17 10.66
N LEU A 193 19.62 -43.34 10.52
CA LEU A 193 19.33 -44.27 11.61
C LEU A 193 20.62 -44.58 12.35
N ILE A 194 21.66 -45.05 11.61
CA ILE A 194 22.97 -45.37 12.22
C ILE A 194 24.03 -44.32 11.83
N SER A 195 24.85 -44.00 12.85
CA SER A 195 25.96 -43.11 12.87
C SER A 195 27.27 -43.86 13.19
N LEU A 196 28.29 -43.69 12.31
CA LEU A 196 29.69 -44.17 12.54
C LEU A 196 30.66 -42.98 12.44
N VAL A 197 31.57 -42.88 13.41
CA VAL A 197 32.65 -41.89 13.46
C VAL A 197 33.94 -42.55 12.91
N VAL A 198 34.59 -41.96 11.90
CA VAL A 198 35.76 -42.58 11.33
C VAL A 198 36.96 -42.25 12.21
N GLN A 199 37.83 -43.23 12.40
CA GLN A 199 39.02 -43.12 13.23
C GLN A 199 40.28 -43.35 12.40
N LYS A 200 40.24 -44.27 11.42
CA LYS A 200 41.39 -44.51 10.58
C LYS A 200 40.95 -44.64 9.12
N ILE A 201 41.73 -43.94 8.28
CA ILE A 201 41.55 -43.91 6.86
C ILE A 201 42.75 -44.60 6.22
N GLY A 202 42.47 -45.55 5.32
CA GLY A 202 43.47 -46.12 4.45
C GLY A 202 42.81 -46.61 3.16
N PRO A 203 43.61 -46.98 2.13
CA PRO A 203 43.05 -47.32 0.81
C PRO A 203 42.19 -48.58 0.76
N GLU A 204 42.21 -49.37 1.83
CA GLU A 204 41.46 -50.61 1.85
C GLU A 204 40.03 -50.35 2.30
N GLY A 205 39.83 -49.30 3.10
CA GLY A 205 38.59 -49.03 3.77
C GLY A 205 38.78 -48.10 4.96
N LEU A 206 37.72 -47.99 5.79
CA LEU A 206 37.67 -47.09 6.96
C LEU A 206 37.43 -47.92 8.21
N VAL A 207 37.95 -47.42 9.32
CA VAL A 207 37.73 -47.99 10.64
C VAL A 207 36.94 -46.99 11.47
N THR A 208 35.79 -47.45 11.97
CA THR A 208 34.72 -46.62 12.51
C THR A 208 34.26 -47.18 13.86
N GLU A 209 33.91 -46.28 14.79
CA GLU A 209 33.12 -46.61 16.00
C GLU A 209 31.65 -46.19 15.78
N VAL A 210 30.72 -47.06 16.20
CA VAL A 210 29.29 -46.80 16.15
C VAL A 210 28.96 -45.82 17.29
N GLU A 211 28.37 -44.67 16.92
CA GLU A 211 27.91 -43.63 17.84
C GLU A 211 26.41 -43.85 18.14
N HIS A 212 25.66 -44.24 17.09
CA HIS A 212 24.22 -44.53 17.11
C HIS A 212 23.97 -45.86 16.37
N GLY A 213 23.45 -46.85 17.13
CA GLY A 213 23.30 -48.21 16.68
C GLY A 213 21.85 -48.66 16.67
N GLY A 214 21.30 -48.81 15.46
CA GLY A 214 20.03 -49.48 15.20
C GLY A 214 20.24 -50.79 14.45
N ILE A 215 19.24 -51.19 13.64
CA ILE A 215 19.24 -52.49 12.89
C ILE A 215 19.36 -52.19 11.39
N LEU A 216 20.36 -52.77 10.73
CA LEU A 216 20.67 -52.39 9.35
C LEU A 216 19.92 -53.33 8.41
N GLY A 217 19.29 -52.79 7.37
CA GLY A 217 18.72 -53.58 6.30
C GLY A 217 19.74 -53.82 5.20
N SER A 218 19.27 -53.77 3.95
CA SER A 218 20.07 -54.10 2.77
C SER A 218 19.84 -53.05 1.67
N ARG A 219 20.95 -52.57 1.11
CA ARG A 219 20.98 -51.48 0.12
C ARG A 219 20.26 -50.24 0.68
N LYS A 220 20.85 -49.65 1.74
CA LYS A 220 20.32 -48.47 2.42
C LYS A 220 21.08 -47.21 1.98
N GLY A 221 20.53 -46.05 2.36
CA GLY A 221 21.11 -44.74 2.04
C GLY A 221 22.19 -44.32 3.03
N VAL A 222 23.28 -43.75 2.48
CA VAL A 222 24.41 -43.31 3.28
C VAL A 222 24.55 -41.81 3.08
N ASN A 223 24.86 -41.09 4.16
CA ASN A 223 25.20 -39.69 4.13
C ASN A 223 26.57 -39.49 4.78
N LEU A 224 27.40 -38.60 4.17
CA LEU A 224 28.76 -38.23 4.57
C LEU A 224 28.83 -36.71 4.77
N PRO A 225 28.39 -36.17 5.91
CA PRO A 225 28.39 -34.72 6.08
C PRO A 225 29.78 -34.10 5.86
N ASN A 226 29.77 -32.87 5.36
CA ASN A 226 30.95 -32.02 5.22
C ASN A 226 31.95 -32.74 4.32
N THR A 227 31.46 -33.37 3.25
CA THR A 227 32.35 -33.94 2.26
C THR A 227 31.92 -33.47 0.87
N GLU A 228 32.89 -33.43 -0.05
CA GLU A 228 32.67 -33.20 -1.46
C GLU A 228 32.84 -34.53 -2.19
N VAL A 229 31.73 -35.05 -2.72
CA VAL A 229 31.62 -36.34 -3.38
C VAL A 229 31.56 -36.11 -4.91
N ASP A 230 32.39 -36.84 -5.67
CA ASP A 230 32.63 -36.58 -7.11
C ASP A 230 31.40 -36.91 -7.99
N LEU A 231 30.39 -37.60 -7.42
CA LEU A 231 29.13 -38.03 -8.12
C LEU A 231 28.54 -36.90 -8.97
N PRO A 232 28.38 -37.11 -10.32
CA PRO A 232 28.03 -36.02 -11.23
C PRO A 232 26.57 -35.56 -11.08
N GLY A 233 26.24 -34.46 -11.77
CA GLY A 233 24.93 -33.78 -11.64
C GLY A 233 23.77 -34.76 -11.62
N LEU A 234 23.61 -35.48 -12.74
CA LEU A 234 22.60 -36.52 -12.86
C LEU A 234 23.28 -37.87 -13.15
N SER A 235 22.98 -38.86 -12.31
CA SER A 235 23.32 -40.26 -12.56
C SER A 235 22.64 -40.68 -13.85
N GLU A 236 23.04 -41.83 -14.41
CA GLU A 236 22.41 -42.34 -15.64
C GLU A 236 20.92 -42.53 -15.33
N GLN A 237 20.64 -43.17 -14.18
CA GLN A 237 19.26 -43.47 -13.73
C GLN A 237 18.39 -42.20 -13.75
N ASP A 238 18.95 -41.06 -13.30
CA ASP A 238 18.19 -39.83 -13.24
C ASP A 238 17.76 -39.41 -14.65
N LEU A 239 18.69 -39.36 -15.60
CA LEU A 239 18.40 -38.98 -17.01
C LEU A 239 17.12 -39.66 -17.47
N LEU A 240 16.97 -40.93 -17.08
CA LEU A 240 15.86 -41.74 -17.55
C LEU A 240 14.59 -41.24 -16.84
N ASP A 241 14.64 -41.24 -15.50
CA ASP A 241 13.53 -40.81 -14.58
C ASP A 241 12.93 -39.47 -15.05
N LEU A 242 13.77 -38.53 -15.50
CA LEU A 242 13.27 -37.22 -15.98
C LEU A 242 12.52 -37.36 -17.30
N ARG A 243 13.00 -38.24 -18.20
CA ARG A 243 12.38 -38.41 -19.53
C ARG A 243 11.03 -39.12 -19.39
N PHE A 244 10.91 -40.03 -18.41
CA PHE A 244 9.61 -40.58 -17.95
C PHE A 244 8.64 -39.44 -17.64
N GLY A 245 9.07 -38.52 -16.75
CA GLY A 245 8.26 -37.39 -16.31
C GLY A 245 7.74 -36.53 -17.44
N VAL A 246 8.61 -36.21 -18.40
CA VAL A 246 8.15 -35.52 -19.60
C VAL A 246 7.06 -36.35 -20.30
N GLN A 247 7.35 -37.64 -20.51
CA GLN A 247 6.47 -38.59 -21.21
C GLN A 247 5.12 -38.67 -20.47
N HIS A 248 5.15 -38.65 -19.14
CA HIS A 248 3.91 -38.78 -18.36
C HIS A 248 3.31 -37.40 -18.00
N ASN A 249 3.87 -36.32 -18.57
CA ASN A 249 3.32 -34.97 -18.43
C ASN A 249 3.37 -34.46 -16.97
N VAL A 250 4.38 -34.82 -16.16
CA VAL A 250 4.41 -34.38 -14.75
C VAL A 250 4.52 -32.86 -14.72
N ASP A 251 4.11 -32.26 -13.59
CA ASP A 251 4.05 -30.80 -13.44
C ASP A 251 5.34 -30.22 -12.84
N ILE A 252 6.04 -30.97 -11.99
CA ILE A 252 7.12 -30.45 -11.17
C ILE A 252 8.20 -31.54 -11.01
N ILE A 253 9.47 -31.12 -11.02
CA ILE A 253 10.55 -31.93 -10.53
C ILE A 253 10.94 -31.37 -9.15
N PHE A 254 10.96 -32.23 -8.13
CA PHE A 254 11.75 -31.98 -6.95
C PHE A 254 13.15 -32.57 -7.20
N ALA A 255 14.13 -31.71 -7.46
CA ALA A 255 15.49 -32.12 -7.75
C ALA A 255 16.24 -32.48 -6.46
N SER A 256 16.51 -33.76 -6.22
CA SER A 256 17.23 -34.19 -5.01
C SER A 256 18.66 -33.62 -4.97
N PHE A 257 19.07 -33.22 -3.74
CA PHE A 257 20.44 -32.99 -3.38
C PHE A 257 21.16 -32.08 -4.38
N VAL A 258 20.53 -30.94 -4.71
CA VAL A 258 21.14 -29.86 -5.50
C VAL A 258 22.24 -29.23 -4.63
N ARG A 259 23.42 -29.11 -5.23
CA ARG A 259 24.65 -28.74 -4.54
C ARG A 259 25.18 -27.42 -5.08
N LYS A 260 24.77 -27.03 -6.28
CA LYS A 260 25.25 -25.84 -6.98
C LYS A 260 24.32 -25.60 -8.17
N ALA A 261 24.50 -24.46 -8.84
CA ALA A 261 23.63 -24.04 -9.87
C ALA A 261 23.68 -25.05 -11.01
N SER A 262 24.89 -25.34 -11.51
CA SER A 262 25.06 -26.22 -12.67
C SER A 262 24.18 -27.48 -12.54
N ASP A 263 24.07 -28.03 -11.33
CA ASP A 263 23.15 -29.15 -11.01
C ASP A 263 21.72 -28.86 -11.50
N VAL A 264 21.23 -27.61 -11.35
CA VAL A 264 19.87 -27.27 -11.75
C VAL A 264 19.81 -27.13 -13.27
N LEU A 265 20.92 -26.68 -13.86
CA LEU A 265 20.97 -26.44 -15.35
C LEU A 265 20.98 -27.81 -16.06
N ALA A 266 21.72 -28.76 -15.46
CA ALA A 266 21.73 -30.13 -15.90
C ALA A 266 20.30 -30.67 -16.00
N VAL A 267 19.50 -30.38 -14.97
CA VAL A 267 18.15 -30.89 -14.88
C VAL A 267 17.30 -30.26 -15.98
N ARG A 268 17.53 -28.97 -16.22
CA ARG A 268 16.73 -28.24 -17.20
C ARG A 268 17.07 -28.76 -18.60
N ASP A 269 18.37 -28.97 -18.86
CA ASP A 269 18.89 -29.48 -20.14
C ASP A 269 18.24 -30.82 -20.44
N ALA A 270 18.34 -31.75 -19.48
CA ALA A 270 17.67 -33.05 -19.57
C ALA A 270 16.23 -32.88 -20.05
N LEU A 271 15.44 -32.05 -19.37
CA LEU A 271 14.01 -31.94 -19.69
C LEU A 271 13.88 -31.39 -21.13
N GLY A 272 14.94 -30.70 -21.58
CA GLY A 272 15.09 -30.18 -22.94
C GLY A 272 13.90 -29.34 -23.39
N PRO A 273 13.80 -28.97 -24.68
CA PRO A 273 12.69 -28.15 -25.16
C PRO A 273 11.33 -28.72 -24.78
N GLU A 274 11.21 -30.05 -24.81
CA GLU A 274 9.90 -30.69 -24.75
C GLU A 274 9.33 -30.60 -23.32
N GLY A 275 10.16 -30.26 -22.32
CA GLY A 275 9.69 -30.10 -20.94
C GLY A 275 10.15 -28.81 -20.28
N GLN A 276 10.19 -27.72 -21.05
CA GLN A 276 10.65 -26.44 -20.57
C GLN A 276 9.60 -25.74 -19.67
N ASN A 277 8.33 -26.16 -19.69
CA ASN A 277 7.29 -25.56 -18.85
C ASN A 277 7.17 -26.26 -17.48
N ILE A 278 7.97 -27.31 -17.25
CA ILE A 278 8.01 -28.08 -15.99
C ILE A 278 8.75 -27.24 -14.93
N LYS A 279 8.23 -27.27 -13.68
CA LYS A 279 8.83 -26.42 -12.62
C LYS A 279 9.89 -27.24 -11.91
N ILE A 280 11.06 -26.61 -11.70
CA ILE A 280 12.16 -27.24 -10.99
C ILE A 280 12.23 -26.65 -9.58
N ILE A 281 12.02 -27.54 -8.60
CA ILE A 281 12.14 -27.21 -7.22
C ILE A 281 13.38 -27.89 -6.68
N SER A 282 14.44 -27.13 -6.41
CA SER A 282 15.68 -27.71 -5.93
C SER A 282 15.59 -27.99 -4.44
N LYS A 283 15.89 -29.23 -4.05
CA LYS A 283 15.94 -29.68 -2.69
C LYS A 283 17.31 -29.39 -2.13
N ILE A 284 17.34 -28.53 -1.09
CA ILE A 284 18.55 -28.20 -0.35
C ILE A 284 18.64 -29.21 0.81
N GLU A 285 19.67 -30.08 0.74
CA GLU A 285 19.79 -31.27 1.64
C GLU A 285 21.14 -31.26 2.39
N ASN A 286 22.06 -30.33 2.07
CA ASN A 286 23.38 -30.43 2.67
C ASN A 286 24.11 -29.09 2.67
N HIS A 287 25.27 -29.06 3.35
CA HIS A 287 25.98 -27.81 3.67
C HIS A 287 26.37 -27.09 2.39
N GLU A 288 26.62 -27.86 1.32
CA GLU A 288 26.98 -27.34 0.02
C GLU A 288 25.80 -26.56 -0.57
N GLY A 289 24.61 -27.16 -0.62
CA GLY A 289 23.39 -26.48 -1.12
C GLY A 289 23.07 -25.20 -0.34
N VAL A 290 23.21 -25.27 0.98
CA VAL A 290 22.97 -24.14 1.84
C VAL A 290 23.92 -23.00 1.42
N LYS A 291 25.22 -23.28 1.38
CA LYS A 291 26.28 -22.31 1.02
C LYS A 291 26.06 -21.74 -0.39
N LYS A 292 25.59 -22.57 -1.31
CA LYS A 292 25.43 -22.15 -2.68
C LYS A 292 23.96 -21.80 -2.97
N PHE A 293 23.22 -21.43 -1.92
CA PHE A 293 21.77 -21.28 -1.97
C PHE A 293 21.38 -20.19 -2.96
N ASP A 294 22.00 -19.02 -2.86
CA ASP A 294 21.59 -17.88 -3.67
C ASP A 294 21.70 -18.23 -5.17
N GLU A 295 22.75 -18.97 -5.54
CA GLU A 295 22.99 -19.27 -6.95
C GLU A 295 22.05 -20.38 -7.42
N ILE A 296 21.65 -21.29 -6.51
CA ILE A 296 20.62 -22.30 -6.78
C ILE A 296 19.27 -21.61 -6.97
N LEU A 297 18.92 -20.67 -6.07
CA LEU A 297 17.63 -20.04 -6.11
C LEU A 297 17.44 -19.40 -7.47
N GLU A 298 18.47 -18.65 -7.92
CA GLU A 298 18.39 -17.79 -9.11
C GLU A 298 17.94 -18.57 -10.35
N VAL A 299 18.32 -19.85 -10.48
CA VAL A 299 18.00 -20.64 -11.67
C VAL A 299 16.85 -21.64 -11.39
N SER A 300 16.52 -21.91 -10.13
CA SER A 300 15.40 -22.82 -9.84
C SER A 300 14.10 -22.03 -9.93
N ASP A 301 12.98 -22.75 -10.00
CA ASP A 301 11.67 -22.14 -9.96
C ASP A 301 11.25 -21.95 -8.50
N GLY A 302 11.84 -22.74 -7.59
CA GLY A 302 11.64 -22.61 -6.17
C GLY A 302 12.51 -23.58 -5.40
N ILE A 303 12.20 -23.80 -4.11
CA ILE A 303 13.09 -24.49 -3.16
C ILE A 303 12.29 -25.41 -2.24
N MET A 304 12.91 -26.54 -1.85
CA MET A 304 12.46 -27.42 -0.79
C MET A 304 13.54 -27.48 0.30
N VAL A 305 13.16 -27.11 1.52
CA VAL A 305 13.93 -27.36 2.71
C VAL A 305 13.72 -28.81 3.08
N ALA A 306 14.64 -29.65 2.61
CA ALA A 306 14.53 -31.06 2.77
C ALA A 306 15.18 -31.45 4.08
N ARG A 307 14.42 -31.27 5.17
CA ARG A 307 14.95 -31.26 6.54
C ARG A 307 15.46 -32.64 6.98
N GLY A 308 15.07 -33.70 6.27
CA GLY A 308 15.51 -35.07 6.58
C GLY A 308 17.01 -35.25 6.42
N ASP A 309 17.48 -35.22 5.17
CA ASP A 309 18.92 -35.21 4.82
C ASP A 309 19.63 -34.03 5.50
N LEU A 310 18.99 -32.87 5.50
CA LEU A 310 19.59 -31.63 6.00
C LEU A 310 19.91 -31.77 7.49
N GLY A 311 19.07 -32.47 8.24
CA GLY A 311 19.26 -32.61 9.67
C GLY A 311 20.26 -33.69 10.04
N ILE A 312 20.81 -34.40 9.06
CA ILE A 312 22.00 -35.24 9.32
C ILE A 312 23.22 -34.59 8.67
N GLU A 313 23.07 -33.95 7.51
CA GLU A 313 24.19 -33.31 6.85
C GLU A 313 24.73 -32.14 7.68
N ILE A 314 23.83 -31.43 8.37
CA ILE A 314 24.24 -30.34 9.26
C ILE A 314 23.79 -30.74 10.66
N PRO A 315 24.29 -30.08 11.73
CA PRO A 315 23.81 -30.37 13.08
C PRO A 315 22.30 -30.10 13.19
N ALA A 316 21.61 -30.94 13.96
CA ALA A 316 20.16 -31.00 13.96
C ALA A 316 19.59 -29.70 14.58
N GLU A 317 20.30 -29.17 15.57
CA GLU A 317 19.90 -27.99 16.27
C GLU A 317 20.06 -26.73 15.41
N LYS A 318 20.54 -26.86 14.17
CA LYS A 318 20.73 -25.71 13.27
C LYS A 318 19.73 -25.72 12.11
N VAL A 319 18.96 -26.80 11.93
CA VAL A 319 18.06 -26.86 10.78
C VAL A 319 17.10 -25.66 10.80
N PHE A 320 16.73 -25.13 11.96
CA PHE A 320 15.66 -24.14 11.97
C PHE A 320 16.17 -22.86 11.35
N LEU A 321 17.46 -22.59 11.55
CA LEU A 321 18.19 -21.43 10.95
C LEU A 321 18.17 -21.52 9.41
N ALA A 322 18.57 -22.66 8.87
CA ALA A 322 18.54 -22.85 7.47
C ALA A 322 17.11 -22.77 6.95
N GLN A 323 16.12 -23.33 7.67
CA GLN A 323 14.72 -23.24 7.22
C GLN A 323 14.31 -21.77 7.13
N LYS A 324 14.55 -21.01 8.21
CA LYS A 324 13.97 -19.67 8.24
C LYS A 324 14.68 -18.78 7.22
N MET A 325 15.96 -19.05 7.00
CA MET A 325 16.79 -18.35 6.02
C MET A 325 16.23 -18.53 4.61
N MET A 326 16.06 -19.78 4.22
CA MET A 326 15.71 -20.09 2.87
C MET A 326 14.27 -19.63 2.59
N ILE A 327 13.39 -19.81 3.59
CA ILE A 327 11.98 -19.34 3.43
C ILE A 327 12.00 -17.82 3.22
N GLY A 328 12.74 -17.13 4.07
CA GLY A 328 12.85 -15.65 3.95
C GLY A 328 13.37 -15.25 2.57
N ARG A 329 14.44 -15.90 2.09
CA ARG A 329 15.08 -15.50 0.83
C ARG A 329 14.17 -15.82 -0.35
N CYS A 330 13.41 -16.92 -0.25
CA CYS A 330 12.40 -17.24 -1.28
C CYS A 330 11.20 -16.28 -1.22
N ASN A 331 10.79 -15.84 -0.03
CA ASN A 331 9.71 -14.83 0.07
C ASN A 331 10.19 -13.56 -0.65
N LEU A 332 11.42 -13.17 -0.35
CA LEU A 332 12.08 -11.98 -0.89
C LEU A 332 12.24 -12.09 -2.42
N ALA A 333 12.60 -13.28 -2.93
CA ALA A 333 12.73 -13.56 -4.36
C ALA A 333 11.37 -13.74 -5.06
N GLY A 334 10.30 -14.04 -4.32
CA GLY A 334 8.97 -14.27 -4.89
C GLY A 334 8.86 -15.62 -5.62
N LYS A 335 9.63 -16.63 -5.16
CA LYS A 335 9.60 -18.00 -5.69
C LYS A 335 9.17 -18.99 -4.61
N PRO A 336 8.43 -20.07 -4.96
CA PRO A 336 7.79 -20.90 -3.97
C PRO A 336 8.82 -21.64 -3.12
N VAL A 337 8.48 -21.91 -1.87
CA VAL A 337 9.38 -22.65 -1.04
C VAL A 337 8.55 -23.64 -0.23
N VAL A 338 9.11 -24.84 -0.05
CA VAL A 338 8.44 -25.99 0.51
C VAL A 338 9.18 -26.39 1.78
N CYS A 339 8.43 -26.66 2.84
CA CYS A 339 8.96 -27.21 4.06
C CYS A 339 8.62 -28.71 4.11
N ALA A 340 9.62 -29.57 4.35
CA ALA A 340 9.44 -31.03 4.25
C ALA A 340 10.09 -31.76 5.41
N THR A 341 9.47 -32.90 5.71
CA THR A 341 10.01 -34.03 6.46
C THR A 341 9.67 -33.92 7.94
N GLN A 342 8.98 -34.95 8.42
CA GLN A 342 8.68 -35.24 9.86
C GLN A 342 7.76 -34.18 10.48
N MET A 343 6.95 -33.53 9.65
CA MET A 343 6.09 -32.46 10.16
C MET A 343 5.05 -33.06 11.12
N LEU A 344 4.49 -34.23 10.76
CA LEU A 344 3.54 -34.94 11.58
C LEU A 344 3.94 -36.42 11.71
N GLU A 345 5.24 -36.69 11.90
CA GLU A 345 5.88 -38.03 11.91
C GLU A 345 5.11 -39.08 12.72
N SER A 346 4.65 -38.71 13.91
CA SER A 346 4.00 -39.64 14.85
C SER A 346 2.64 -40.11 14.32
N MET A 347 2.06 -39.43 13.33
CA MET A 347 0.86 -39.89 12.73
C MET A 347 1.10 -41.02 11.72
N ILE A 348 2.34 -41.51 11.60
CA ILE A 348 2.60 -42.77 10.90
C ILE A 348 1.88 -43.91 11.65
N THR A 349 1.91 -43.86 12.98
CA THR A 349 1.36 -44.94 13.81
C THR A 349 0.16 -44.44 14.62
N LYS A 350 0.05 -43.12 14.87
CA LYS A 350 -0.99 -42.60 15.78
C LYS A 350 -1.95 -41.70 15.00
N ALA A 351 -3.16 -41.52 15.55
CA ALA A 351 -4.24 -40.83 14.83
C ALA A 351 -4.21 -39.32 15.11
N ARG A 352 -3.57 -38.92 16.22
CA ARG A 352 -3.42 -37.51 16.63
C ARG A 352 -1.94 -37.16 16.76
N PRO A 353 -1.49 -36.00 16.24
CA PRO A 353 -0.08 -35.64 16.26
C PRO A 353 0.29 -35.11 17.64
N THR A 354 1.58 -34.82 17.85
CA THR A 354 2.11 -34.26 19.10
C THR A 354 2.00 -32.74 19.11
N ARG A 355 2.18 -32.15 20.26
CA ARG A 355 2.14 -30.75 20.38
C ARG A 355 3.25 -30.09 19.57
N ALA A 356 4.38 -30.77 19.31
CA ALA A 356 5.52 -30.15 18.63
C ALA A 356 5.33 -30.23 17.11
N GLU A 357 4.63 -31.28 16.67
CA GLU A 357 4.25 -31.45 15.25
C GLU A 357 3.23 -30.37 14.85
N THR A 358 2.27 -30.15 15.72
CA THR A 358 1.28 -29.13 15.51
C THR A 358 2.01 -27.78 15.39
N SER A 359 2.94 -27.55 16.32
CA SER A 359 3.73 -26.35 16.37
C SER A 359 4.52 -26.17 15.07
N ASP A 360 5.20 -27.24 14.63
CA ASP A 360 6.09 -27.19 13.51
C ASP A 360 5.30 -26.79 12.26
N VAL A 361 4.14 -27.42 12.03
CA VAL A 361 3.31 -27.07 10.85
C VAL A 361 2.92 -25.60 10.93
N ALA A 362 2.40 -25.15 12.08
CA ALA A 362 2.04 -23.73 12.23
C ALA A 362 3.24 -22.80 11.96
N ASN A 363 4.40 -23.18 12.48
CA ASN A 363 5.57 -22.28 12.43
C ASN A 363 6.12 -22.23 11.01
N ALA A 364 5.98 -23.33 10.25
CA ALA A 364 6.33 -23.32 8.85
C ALA A 364 5.42 -22.36 8.08
N VAL A 365 4.13 -22.33 8.38
CA VAL A 365 3.23 -21.34 7.68
C VAL A 365 3.63 -19.91 8.09
N LEU A 366 3.72 -19.67 9.41
CA LEU A 366 4.15 -18.32 9.95
C LEU A 366 5.55 -17.94 9.44
N ASP A 367 6.47 -18.91 9.19
CA ASP A 367 7.79 -18.59 8.64
C ASP A 367 7.65 -18.01 7.22
N GLY A 368 6.62 -18.45 6.48
CA GLY A 368 6.36 -18.00 5.13
C GLY A 368 6.41 -19.08 4.06
N ALA A 369 6.37 -20.36 4.43
CA ALA A 369 6.39 -21.49 3.47
C ALA A 369 5.16 -21.47 2.52
N ASP A 370 5.40 -21.65 1.22
CA ASP A 370 4.27 -21.77 0.26
C ASP A 370 3.59 -23.15 0.35
N CYS A 371 4.36 -24.19 0.68
CA CYS A 371 3.86 -25.55 0.75
C CYS A 371 4.41 -26.31 1.96
N ILE A 372 3.58 -27.23 2.49
CA ILE A 372 3.96 -28.18 3.50
C ILE A 372 3.75 -29.58 2.92
N MET A 373 4.45 -30.56 3.52
CA MET A 373 4.68 -31.85 2.89
C MET A 373 4.52 -32.98 3.92
N LEU A 374 3.89 -34.06 3.44
CA LEU A 374 3.85 -35.32 4.15
C LEU A 374 4.61 -36.35 3.32
N SER A 375 5.33 -37.25 4.02
CA SER A 375 6.22 -38.34 3.49
C SER A 375 5.71 -39.70 4.00
N GLY A 376 6.37 -40.28 5.01
CA GLY A 376 5.84 -41.45 5.74
C GLY A 376 4.34 -41.34 6.03
N GLU A 377 3.93 -40.21 6.63
CA GLU A 377 2.57 -39.99 7.10
C GLU A 377 1.54 -40.40 6.03
N THR A 378 1.83 -40.15 4.74
CA THR A 378 0.85 -40.46 3.66
C THR A 378 1.30 -41.70 2.84
N ALA A 379 2.62 -41.90 2.70
CA ALA A 379 3.16 -42.96 1.83
C ALA A 379 2.87 -44.34 2.43
N LYS A 380 3.07 -44.52 3.75
CA LYS A 380 3.10 -45.84 4.36
C LYS A 380 2.31 -45.93 5.68
N GLY A 381 2.02 -44.80 6.33
CA GLY A 381 1.39 -44.78 7.64
C GLY A 381 -0.03 -45.27 7.64
N SER A 382 -0.57 -45.34 8.85
CA SER A 382 -1.91 -45.86 9.16
C SER A 382 -3.00 -44.79 8.97
N PHE A 383 -2.60 -43.52 8.78
CA PHE A 383 -3.55 -42.41 8.91
C PHE A 383 -3.31 -41.38 7.81
N PRO A 384 -3.11 -41.79 6.54
CA PRO A 384 -2.80 -40.85 5.47
C PRO A 384 -3.81 -39.70 5.44
N VAL A 385 -5.10 -40.00 5.53
CA VAL A 385 -6.12 -38.99 5.22
C VAL A 385 -6.19 -38.02 6.39
N GLU A 386 -6.09 -38.55 7.60
CA GLU A 386 -6.14 -37.74 8.82
C GLU A 386 -4.94 -36.74 8.87
N ALA A 387 -3.77 -37.15 8.35
CA ALA A 387 -2.56 -36.31 8.31
C ALA A 387 -2.83 -35.12 7.40
N VAL A 388 -3.34 -35.37 6.20
CA VAL A 388 -3.73 -34.32 5.29
C VAL A 388 -4.74 -33.40 5.98
N MET A 389 -5.74 -33.99 6.66
CA MET A 389 -6.79 -33.20 7.35
C MET A 389 -6.16 -32.36 8.48
N MET A 390 -5.08 -32.85 9.11
CA MET A 390 -4.48 -32.13 10.25
C MET A 390 -3.62 -30.96 9.73
N GLN A 391 -2.93 -31.16 8.62
CA GLN A 391 -2.15 -30.09 8.00
C GLN A 391 -3.09 -29.00 7.54
N HIS A 392 -4.19 -29.42 6.93
CA HIS A 392 -5.19 -28.48 6.40
C HIS A 392 -5.75 -27.60 7.53
N ALA A 393 -6.11 -28.20 8.67
CA ALA A 393 -6.67 -27.50 9.80
C ALA A 393 -5.63 -26.59 10.52
N ILE A 394 -4.39 -27.04 10.70
CA ILE A 394 -3.33 -26.17 11.30
C ILE A 394 -3.07 -25.00 10.35
N ALA A 395 -2.90 -25.30 9.06
CA ALA A 395 -2.54 -24.29 8.07
C ALA A 395 -3.54 -23.13 8.09
N ARG A 396 -4.85 -23.45 8.10
CA ARG A 396 -5.90 -22.42 8.06
C ARG A 396 -5.76 -21.48 9.25
N GLU A 397 -5.55 -22.07 10.43
CA GLU A 397 -5.37 -21.30 11.64
C GLU A 397 -4.12 -20.41 11.52
N ALA A 398 -3.02 -20.96 11.04
CA ALA A 398 -1.73 -20.21 11.05
C ALA A 398 -1.78 -19.07 10.04
N GLU A 399 -2.41 -19.30 8.89
CA GLU A 399 -2.50 -18.30 7.86
C GLU A 399 -3.18 -17.02 8.39
N ALA A 400 -4.19 -17.14 9.23
CA ALA A 400 -4.94 -16.00 9.69
C ALA A 400 -4.15 -15.27 10.78
N ALA A 401 -3.14 -15.96 11.36
CA ALA A 401 -2.34 -15.43 12.45
C ALA A 401 -1.08 -14.74 11.93
N VAL A 402 -0.90 -14.77 10.63
CA VAL A 402 0.14 -14.01 9.98
C VAL A 402 -0.13 -12.53 10.23
N TYR A 403 0.91 -11.82 10.64
CA TYR A 403 0.91 -10.33 10.77
C TYR A 403 1.13 -9.66 9.41
N HIS A 404 0.06 -9.61 8.61
CA HIS A 404 0.09 -8.99 7.26
C HIS A 404 0.60 -7.55 7.27
N ARG A 405 0.23 -6.74 8.26
CA ARG A 405 0.67 -5.33 8.33
C ARG A 405 2.19 -5.32 8.04
N GLN A 406 2.97 -5.97 8.90
CA GLN A 406 4.42 -5.91 8.84
C GLN A 406 4.90 -6.55 7.54
N LEU A 407 4.35 -7.72 7.24
CA LEU A 407 4.87 -8.57 6.17
C LEU A 407 4.73 -7.86 4.81
N PHE A 408 3.50 -7.41 4.52
CA PHE A 408 3.22 -6.65 3.31
C PHE A 408 4.16 -5.43 3.18
N GLU A 409 4.38 -4.70 4.29
CA GLU A 409 5.20 -3.49 4.27
C GLU A 409 6.66 -3.87 3.98
N GLU A 410 7.14 -4.93 4.60
CA GLU A 410 8.49 -5.34 4.37
C GLU A 410 8.65 -5.80 2.92
N LEU A 411 7.69 -6.57 2.37
CA LEU A 411 7.74 -7.00 0.91
C LEU A 411 7.65 -5.77 0.00
N ARG A 412 6.72 -4.85 0.30
CA ARG A 412 6.58 -3.60 -0.45
C ARG A 412 7.97 -2.93 -0.61
N ARG A 413 8.64 -2.72 0.52
CA ARG A 413 9.94 -2.04 0.58
C ARG A 413 11.00 -2.81 -0.22
N ALA A 414 11.06 -4.11 -0.02
CA ALA A 414 12.17 -4.91 -0.57
C ALA A 414 12.05 -4.97 -2.09
N ALA A 415 10.81 -5.10 -2.58
CA ALA A 415 10.53 -5.23 -3.98
C ALA A 415 11.06 -4.02 -4.72
N PRO A 416 11.72 -4.20 -5.89
CA PRO A 416 12.22 -3.07 -6.68
C PRO A 416 11.05 -2.34 -7.34
N LEU A 417 11.32 -1.11 -7.79
CA LEU A 417 10.42 -0.41 -8.65
C LEU A 417 10.29 -1.24 -9.92
N SER A 418 9.14 -1.10 -10.58
CA SER A 418 8.87 -1.87 -11.76
C SER A 418 7.98 -1.07 -12.69
N ARG A 419 8.29 -1.15 -13.98
CA ARG A 419 7.51 -0.55 -15.03
C ARG A 419 6.73 -1.66 -15.76
N ASP A 420 6.76 -2.87 -15.23
CA ASP A 420 5.97 -3.95 -15.78
C ASP A 420 4.51 -3.85 -15.32
N PRO A 421 3.54 -3.61 -16.24
CA PRO A 421 2.15 -3.37 -15.85
C PRO A 421 1.53 -4.48 -14.99
N THR A 422 1.97 -5.70 -15.16
CA THR A 422 1.40 -6.81 -14.42
C THR A 422 1.84 -6.72 -12.95
N GLU A 423 3.05 -6.19 -12.72
CA GLU A 423 3.62 -6.02 -11.38
C GLU A 423 2.88 -4.87 -10.67
N VAL A 424 2.79 -3.75 -11.37
CA VAL A 424 2.09 -2.58 -10.92
C VAL A 424 0.64 -2.92 -10.57
N THR A 425 -0.06 -3.59 -11.47
CA THR A 425 -1.44 -3.91 -11.27
C THR A 425 -1.57 -4.80 -10.04
N ALA A 426 -0.68 -5.78 -9.91
CA ALA A 426 -0.78 -6.76 -8.86
C ALA A 426 -0.64 -6.12 -7.44
N ILE A 427 0.22 -5.13 -7.30
CA ILE A 427 0.45 -4.56 -6.01
C ILE A 427 -0.71 -3.62 -5.66
N GLY A 428 -1.24 -2.93 -6.65
CA GLY A 428 -2.46 -2.13 -6.42
C GLY A 428 -3.65 -3.00 -6.00
N ALA A 429 -3.72 -4.18 -6.56
CA ALA A 429 -4.85 -5.01 -6.32
C ALA A 429 -4.77 -5.55 -4.89
N VAL A 430 -3.56 -5.90 -4.43
CA VAL A 430 -3.37 -6.52 -3.13
C VAL A 430 -3.64 -5.45 -2.07
N GLU A 431 -3.15 -4.24 -2.31
CA GLU A 431 -3.43 -3.09 -1.45
C GLU A 431 -4.95 -2.90 -1.34
N ALA A 432 -5.61 -2.93 -2.50
CA ALA A 432 -7.02 -2.75 -2.57
C ALA A 432 -7.73 -3.80 -1.70
N SER A 433 -7.29 -5.05 -1.79
CA SER A 433 -7.94 -6.14 -1.10
C SER A 433 -7.84 -5.93 0.42
N PHE A 434 -6.77 -5.26 0.87
CA PHE A 434 -6.56 -5.02 2.30
C PHE A 434 -7.50 -3.90 2.78
N LYS A 435 -7.76 -2.93 1.92
CA LYS A 435 -8.55 -1.82 2.24
C LYS A 435 -9.98 -2.24 2.63
N CYS A 436 -10.48 -3.33 2.05
CA CYS A 436 -11.91 -3.67 2.15
C CYS A 436 -12.12 -5.08 2.71
N CYS A 437 -11.05 -5.76 3.11
CA CYS A 437 -11.10 -7.17 3.48
C CYS A 437 -11.77 -7.99 2.39
N ALA A 438 -11.34 -7.84 1.14
CA ALA A 438 -11.90 -8.56 -0.02
C ALA A 438 -11.99 -10.06 0.28
N ALA A 439 -13.09 -10.73 -0.08
CA ALA A 439 -13.08 -12.18 0.06
C ALA A 439 -12.11 -12.81 -0.93
N ALA A 440 -11.83 -12.11 -2.03
CA ALA A 440 -11.02 -12.73 -3.06
C ALA A 440 -10.44 -11.70 -4.01
N ILE A 441 -9.30 -12.06 -4.59
CA ILE A 441 -8.80 -11.46 -5.81
C ILE A 441 -9.00 -12.50 -6.93
N ILE A 442 -9.77 -12.16 -7.96
CA ILE A 442 -10.00 -13.05 -9.10
C ILE A 442 -9.11 -12.59 -10.23
N VAL A 443 -8.31 -13.50 -10.81
CA VAL A 443 -7.33 -13.09 -11.83
C VAL A 443 -7.38 -14.09 -12.97
N LEU A 444 -7.40 -13.58 -14.21
CA LEU A 444 -7.26 -14.44 -15.38
C LEU A 444 -5.76 -14.59 -15.68
N THR A 445 -5.31 -15.85 -15.84
CA THR A 445 -3.90 -16.11 -16.20
C THR A 445 -3.84 -17.31 -17.13
N LYS A 446 -3.01 -17.19 -18.19
CA LYS A 446 -2.69 -18.33 -19.05
C LYS A 446 -1.61 -19.21 -18.42
N THR A 447 -0.51 -18.59 -17.99
CA THR A 447 0.71 -19.31 -17.56
C THR A 447 0.79 -19.45 -16.04
N GLY A 448 -0.01 -18.65 -15.31
CA GLY A 448 0.05 -18.58 -13.86
C GLY A 448 0.78 -17.33 -13.39
N ARG A 449 1.54 -16.67 -14.26
CA ARG A 449 2.44 -15.60 -13.83
C ARG A 449 1.67 -14.54 -13.01
N SER A 450 0.50 -14.11 -13.55
CA SER A 450 -0.27 -12.99 -13.05
C SER A 450 -0.73 -13.27 -11.61
N ALA A 451 -1.13 -14.51 -11.34
CA ALA A 451 -1.52 -14.90 -10.02
C ALA A 451 -0.27 -14.95 -9.09
N GLN A 452 0.88 -15.36 -9.62
CA GLN A 452 2.11 -15.48 -8.82
C GLN A 452 2.55 -14.12 -8.27
N LEU A 453 2.43 -13.06 -9.07
CA LEU A 453 2.87 -11.72 -8.69
C LEU A 453 1.90 -11.10 -7.67
N LEU A 454 0.66 -11.61 -7.62
CA LEU A 454 -0.31 -11.24 -6.59
C LEU A 454 0.14 -11.96 -5.31
N SER A 455 0.39 -13.25 -5.45
CA SER A 455 0.73 -14.15 -4.37
C SER A 455 1.97 -13.68 -3.61
N GLN A 456 2.93 -13.03 -4.28
CA GLN A 456 4.24 -12.74 -3.72
C GLN A 456 4.14 -11.62 -2.66
N TYR A 457 3.00 -10.91 -2.57
CA TYR A 457 2.74 -9.88 -1.55
C TYR A 457 1.91 -10.44 -0.38
N ARG A 458 1.55 -11.71 -0.46
CA ARG A 458 0.89 -12.42 0.64
C ARG A 458 -0.37 -11.70 1.07
N PRO A 459 -1.36 -11.51 0.18
CA PRO A 459 -2.64 -10.94 0.59
C PRO A 459 -3.37 -11.90 1.53
N ARG A 460 -4.19 -11.38 2.42
CA ARG A 460 -5.09 -12.21 3.21
C ARG A 460 -6.14 -12.85 2.29
N ALA A 461 -6.60 -12.06 1.32
CA ALA A 461 -7.64 -12.48 0.39
C ALA A 461 -7.12 -13.54 -0.60
N ALA A 462 -7.87 -14.62 -0.75
CA ALA A 462 -7.58 -15.70 -1.64
C ALA A 462 -7.43 -15.16 -3.06
N VAL A 463 -6.45 -15.72 -3.79
CA VAL A 463 -6.24 -15.39 -5.18
C VAL A 463 -6.84 -16.50 -6.06
N ILE A 464 -8.05 -16.28 -6.54
CA ILE A 464 -8.76 -17.26 -7.36
C ILE A 464 -8.30 -17.06 -8.80
N ALA A 465 -7.54 -18.03 -9.31
CA ALA A 465 -6.93 -17.93 -10.66
C ALA A 465 -7.71 -18.81 -11.64
N VAL A 466 -8.38 -18.15 -12.58
CA VAL A 466 -9.16 -18.81 -13.65
C VAL A 466 -8.26 -18.97 -14.88
N THR A 467 -8.04 -20.23 -15.31
CA THR A 467 -7.16 -20.56 -16.44
C THR A 467 -7.72 -21.72 -17.29
N ARG A 468 -7.37 -21.71 -18.58
CA ARG A 468 -7.67 -22.80 -19.52
C ARG A 468 -6.49 -23.78 -19.57
N SER A 469 -5.25 -23.35 -19.24
CA SER A 469 -4.12 -24.27 -19.13
C SER A 469 -4.27 -25.20 -17.91
N ALA A 470 -4.78 -26.41 -18.17
CA ALA A 470 -4.76 -27.52 -17.22
C ALA A 470 -3.43 -27.58 -16.42
N GLN A 471 -2.30 -27.37 -17.10
CA GLN A 471 -0.97 -27.49 -16.51
C GLN A 471 -0.68 -26.34 -15.53
N ALA A 472 -1.10 -25.12 -15.89
CA ALA A 472 -1.02 -23.96 -15.05
C ALA A 472 -1.87 -24.16 -13.80
N ALA A 473 -3.11 -24.64 -13.99
CA ALA A 473 -4.01 -24.84 -12.90
C ALA A 473 -3.35 -25.78 -11.89
N ARG A 474 -2.53 -26.71 -12.37
CA ARG A 474 -1.85 -27.65 -11.50
C ARG A 474 -0.66 -26.98 -10.80
N GLN A 475 0.19 -26.27 -11.56
CA GLN A 475 1.49 -25.76 -11.10
C GLN A 475 1.32 -24.61 -10.07
N VAL A 476 0.28 -23.78 -10.23
CA VAL A 476 0.05 -22.63 -9.35
C VAL A 476 -0.22 -23.07 -7.91
N HIS A 477 -0.52 -24.34 -7.63
CA HIS A 477 -0.52 -24.80 -6.25
C HIS A 477 0.80 -24.51 -5.50
N LEU A 478 1.88 -24.22 -6.22
CA LEU A 478 3.18 -23.99 -5.57
C LEU A 478 3.22 -22.61 -4.89
N SER A 479 2.39 -21.66 -5.36
CA SER A 479 2.37 -20.28 -4.87
C SER A 479 1.28 -20.11 -3.84
N ARG A 480 1.65 -19.66 -2.63
CA ARG A 480 0.71 -19.52 -1.51
C ARG A 480 -0.48 -18.65 -1.93
N GLY A 481 -1.67 -19.16 -1.64
CA GLY A 481 -2.89 -18.40 -1.75
C GLY A 481 -3.59 -18.44 -3.10
N VAL A 482 -3.04 -19.18 -4.08
CA VAL A 482 -3.64 -19.28 -5.42
C VAL A 482 -4.52 -20.52 -5.44
N PHE A 483 -5.82 -20.30 -5.66
CA PHE A 483 -6.84 -21.34 -5.84
C PHE A 483 -7.11 -21.47 -7.32
N PRO A 484 -6.53 -22.48 -8.02
CA PRO A 484 -6.78 -22.68 -9.45
C PRO A 484 -8.17 -23.26 -9.76
N LEU A 485 -8.84 -22.64 -10.72
CA LEU A 485 -10.06 -23.09 -11.30
C LEU A 485 -9.76 -23.38 -12.77
N LEU A 486 -10.05 -24.61 -13.24
CA LEU A 486 -9.81 -24.99 -14.65
C LEU A 486 -11.07 -24.71 -15.47
N TYR A 487 -10.91 -23.84 -16.46
CA TYR A 487 -11.94 -23.39 -17.34
C TYR A 487 -11.91 -24.21 -18.62
N ARG A 488 -13.08 -24.77 -18.96
CA ARG A 488 -13.27 -25.84 -19.96
C ARG A 488 -14.10 -25.34 -21.17
N GLU A 489 -14.97 -24.34 -21.01
CA GLU A 489 -15.80 -23.88 -22.14
C GLU A 489 -14.98 -23.17 -23.23
N PRO A 490 -15.42 -23.34 -24.50
CA PRO A 490 -14.62 -22.89 -25.66
C PRO A 490 -14.86 -21.40 -25.89
N PRO A 491 -13.97 -20.72 -26.63
CA PRO A 491 -14.02 -19.27 -26.73
C PRO A 491 -15.35 -18.70 -27.23
N GLU A 492 -15.95 -17.81 -26.46
CA GLU A 492 -16.94 -16.93 -27.00
C GLU A 492 -16.32 -16.31 -28.26
N ALA A 493 -17.16 -15.80 -29.16
CA ALA A 493 -16.72 -15.22 -30.41
C ALA A 493 -16.12 -13.84 -30.13
N ILE A 494 -16.77 -13.08 -29.22
CA ILE A 494 -16.34 -11.73 -28.75
C ILE A 494 -15.44 -11.87 -27.50
N TRP A 495 -14.20 -11.37 -27.61
CA TRP A 495 -13.19 -11.69 -26.64
C TRP A 495 -13.64 -11.16 -25.27
N ALA A 496 -14.04 -9.88 -25.26
CA ALA A 496 -14.56 -9.24 -24.02
C ALA A 496 -15.59 -10.16 -23.36
N ASP A 497 -16.49 -10.80 -24.12
CA ASP A 497 -17.47 -11.70 -23.50
C ASP A 497 -16.77 -12.88 -22.83
N ASP A 498 -15.67 -13.35 -23.46
CA ASP A 498 -15.00 -14.54 -23.00
C ASP A 498 -14.35 -14.25 -21.65
N VAL A 499 -13.85 -13.02 -21.53
CA VAL A 499 -13.32 -12.49 -20.30
C VAL A 499 -14.42 -12.53 -19.22
N ASP A 500 -15.53 -11.79 -19.42
CA ASP A 500 -16.62 -11.73 -18.40
C ASP A 500 -16.96 -13.14 -17.91
N ARG A 501 -17.12 -14.08 -18.84
CA ARG A 501 -17.55 -15.40 -18.46
C ARG A 501 -16.49 -16.11 -17.58
N ARG A 502 -15.20 -15.93 -17.89
CA ARG A 502 -14.14 -16.53 -17.03
C ARG A 502 -14.23 -15.91 -15.62
N VAL A 503 -14.39 -14.59 -15.58
CA VAL A 503 -14.59 -13.89 -14.32
C VAL A 503 -15.85 -14.42 -13.62
N GLN A 504 -16.95 -14.61 -14.36
CA GLN A 504 -18.22 -15.06 -13.75
C GLN A 504 -18.05 -16.49 -13.22
N PHE A 505 -17.24 -17.29 -13.92
CA PHE A 505 -16.90 -18.64 -13.46
C PHE A 505 -16.09 -18.60 -12.14
N GLY A 506 -15.14 -17.66 -12.01
CA GLY A 506 -14.47 -17.45 -10.75
C GLY A 506 -15.44 -17.24 -9.61
N ILE A 507 -16.42 -16.35 -9.83
CA ILE A 507 -17.41 -15.97 -8.78
C ILE A 507 -18.28 -17.15 -8.37
N GLU A 508 -18.86 -17.84 -9.36
CA GLU A 508 -19.80 -18.94 -9.14
C GLU A 508 -19.09 -20.09 -8.42
N SER A 509 -17.88 -20.45 -8.87
CA SER A 509 -17.03 -21.41 -8.20
C SER A 509 -16.81 -20.98 -6.74
N GLY A 510 -16.39 -19.72 -6.60
CA GLY A 510 -16.21 -19.13 -5.26
C GLY A 510 -17.45 -19.34 -4.39
N LYS A 511 -18.61 -18.89 -4.90
CA LYS A 511 -19.91 -19.10 -4.21
C LYS A 511 -20.10 -20.57 -3.80
N LEU A 512 -20.01 -21.47 -4.77
CA LEU A 512 -20.29 -22.88 -4.50
C LEU A 512 -19.30 -23.44 -3.47
N ARG A 513 -18.01 -23.09 -3.57
CA ARG A 513 -16.98 -23.67 -2.72
C ARG A 513 -16.98 -22.96 -1.35
N GLY A 514 -17.69 -21.84 -1.23
CA GLY A 514 -17.94 -21.21 0.06
C GLY A 514 -16.88 -20.17 0.44
N PHE A 515 -16.09 -19.69 -0.53
CA PHE A 515 -15.09 -18.62 -0.36
C PHE A 515 -15.67 -17.20 -0.57
N LEU A 516 -16.85 -17.09 -1.21
CA LEU A 516 -17.53 -15.82 -1.60
C LEU A 516 -19.03 -15.91 -1.28
N ARG A 517 -19.64 -14.79 -0.90
CA ARG A 517 -21.12 -14.76 -0.67
C ARG A 517 -21.65 -13.45 -1.24
N VAL A 518 -22.96 -13.37 -1.50
CA VAL A 518 -23.60 -12.15 -2.02
C VAL A 518 -23.24 -11.02 -1.06
N GLY A 519 -22.89 -9.86 -1.61
CA GLY A 519 -22.45 -8.69 -0.84
C GLY A 519 -20.94 -8.58 -0.59
N ASP A 520 -20.17 -9.67 -0.75
CA ASP A 520 -18.68 -9.63 -0.59
C ASP A 520 -18.09 -8.74 -1.70
N LEU A 521 -16.96 -8.09 -1.41
CA LEU A 521 -16.20 -7.38 -2.44
C LEU A 521 -15.13 -8.33 -2.98
N VAL A 522 -14.91 -8.27 -4.29
CA VAL A 522 -13.85 -9.00 -4.96
C VAL A 522 -13.05 -7.97 -5.76
N ILE A 523 -11.73 -8.17 -5.79
CA ILE A 523 -10.86 -7.45 -6.71
C ILE A 523 -10.71 -8.35 -7.92
N VAL A 524 -10.86 -7.79 -9.14
CA VAL A 524 -10.84 -8.61 -10.34
C VAL A 524 -9.71 -8.09 -11.22
N VAL A 525 -8.74 -8.94 -11.54
CA VAL A 525 -7.58 -8.51 -12.28
C VAL A 525 -7.63 -9.19 -13.66
N THR A 526 -7.51 -8.41 -14.71
CA THR A 526 -7.63 -8.85 -16.11
C THR A 526 -6.63 -8.02 -16.92
N GLY A 527 -6.59 -8.27 -18.24
CA GLY A 527 -5.71 -7.58 -19.19
C GLY A 527 -6.47 -7.12 -20.42
N TRP A 528 -5.80 -6.27 -21.22
CA TRP A 528 -6.46 -5.53 -22.25
C TRP A 528 -6.46 -6.26 -23.61
N ARG A 529 -5.83 -7.44 -23.72
CA ARG A 529 -5.83 -8.19 -24.98
C ARG A 529 -5.42 -9.61 -24.70
N PRO A 530 -5.62 -10.55 -25.64
CA PRO A 530 -5.23 -11.93 -25.42
C PRO A 530 -3.70 -12.15 -25.44
N GLY A 531 -3.32 -13.27 -24.87
CA GLY A 531 -1.91 -13.59 -24.68
C GLY A 531 -1.46 -13.17 -23.28
N SER A 532 -0.35 -13.81 -22.85
CA SER A 532 0.43 -13.56 -21.65
C SER A 532 1.05 -12.18 -21.77
N GLY A 533 1.00 -11.44 -20.64
CA GLY A 533 1.86 -10.31 -20.42
C GLY A 533 1.13 -9.00 -20.47
N TYR A 534 -0.22 -9.05 -20.60
CA TYR A 534 -0.98 -7.76 -20.74
C TYR A 534 -1.95 -7.51 -19.57
N THR A 535 -1.82 -8.23 -18.46
CA THR A 535 -2.58 -7.92 -17.31
C THR A 535 -2.27 -6.48 -16.89
N ASN A 536 -3.30 -5.66 -16.76
CA ASN A 536 -3.11 -4.25 -16.57
C ASN A 536 -4.35 -3.59 -15.95
N ILE A 537 -5.28 -4.37 -15.40
CA ILE A 537 -6.53 -3.83 -15.05
C ILE A 537 -6.96 -4.47 -13.74
N MET A 538 -7.42 -3.61 -12.83
CA MET A 538 -7.96 -3.95 -11.52
CA MET A 538 -7.97 -3.98 -11.54
C MET A 538 -9.35 -3.31 -11.39
N ARG A 539 -10.37 -4.12 -11.09
N ARG A 539 -10.35 -4.12 -11.02
CA ARG A 539 -11.71 -3.63 -10.81
CA ARG A 539 -11.75 -3.69 -10.83
C ARG A 539 -12.12 -4.07 -9.39
C ARG A 539 -12.29 -4.17 -9.48
N VAL A 540 -13.08 -3.32 -8.83
CA VAL A 540 -13.69 -3.61 -7.55
C VAL A 540 -15.18 -3.87 -7.79
N LEU A 541 -15.64 -5.09 -7.49
CA LEU A 541 -16.98 -5.54 -7.68
C LEU A 541 -17.57 -6.11 -6.40
N SER A 542 -18.91 -6.00 -6.34
CA SER A 542 -19.73 -6.66 -5.37
C SER A 542 -20.22 -7.94 -5.99
N VAL A 543 -20.11 -9.05 -5.24
CA VAL A 543 -20.73 -10.30 -5.63
C VAL A 543 -22.25 -10.09 -5.52
N SER A 544 -22.96 -10.62 -6.51
CA SER A 544 -24.36 -10.36 -6.64
C SER A 544 -25.11 -11.68 -6.81
N HIS A 545 -26.44 -11.62 -6.79
CA HIS A 545 -27.31 -12.78 -7.02
C HIS A 545 -27.13 -13.24 -8.48
N HIS A 550 -25.99 -12.27 -10.98
CA HIS A 550 -26.95 -13.13 -11.73
C HIS A 550 -26.55 -13.15 -13.22
N ALA B 15 15.61 -0.62 -6.97
CA ALA B 15 15.61 0.35 -8.12
C ALA B 15 16.79 0.04 -9.06
N GLN B 16 16.75 -1.14 -9.70
CA GLN B 16 17.75 -1.54 -10.68
C GLN B 16 17.23 -1.28 -12.11
N LEU B 17 15.91 -1.00 -12.23
CA LEU B 17 15.24 -0.71 -13.53
C LEU B 17 16.00 0.38 -14.30
N THR B 18 16.63 1.31 -13.56
CA THR B 18 17.39 2.48 -14.04
C THR B 18 17.89 2.30 -15.48
N GLN B 19 18.22 1.06 -15.86
CA GLN B 19 18.75 0.70 -17.18
C GLN B 19 17.84 1.18 -18.33
N GLU B 20 16.52 1.20 -18.16
CA GLU B 20 15.57 1.50 -19.25
C GLU B 20 15.20 2.99 -19.27
N LEU B 21 14.95 3.59 -18.09
CA LEU B 21 14.53 5.01 -17.98
C LEU B 21 15.74 5.96 -17.90
N GLY B 22 16.94 5.37 -17.75
CA GLY B 22 18.20 6.09 -17.83
C GLY B 22 18.76 6.43 -16.46
N THR B 23 20.09 6.59 -16.40
CA THR B 23 20.75 7.05 -15.20
C THR B 23 20.09 8.36 -14.75
N ALA B 24 19.86 9.26 -15.72
CA ALA B 24 19.38 10.62 -15.49
C ALA B 24 18.19 10.65 -14.51
N PHE B 25 17.24 9.72 -14.70
CA PHE B 25 15.91 9.74 -14.08
C PHE B 25 15.96 9.69 -12.54
N PHE B 26 16.85 8.86 -11.98
CA PHE B 26 16.93 8.67 -10.55
C PHE B 26 17.82 9.74 -9.88
N GLN B 27 18.43 10.64 -10.68
CA GLN B 27 19.08 11.85 -10.18
C GLN B 27 17.98 12.84 -9.74
N GLN B 28 16.96 13.01 -10.58
CA GLN B 28 15.98 14.10 -10.42
C GLN B 28 14.85 13.73 -9.43
N GLN B 29 14.02 14.73 -9.08
CA GLN B 29 12.74 14.58 -8.30
C GLN B 29 12.98 14.26 -6.82
N GLN B 30 14.23 14.39 -6.35
CA GLN B 30 14.72 13.93 -5.05
C GLN B 30 14.48 12.42 -4.93
N LEU B 31 14.71 11.69 -6.01
CA LEU B 31 14.44 10.26 -5.95
C LEU B 31 15.40 9.53 -5.01
N PRO B 32 16.69 9.91 -4.88
CA PRO B 32 17.57 9.23 -3.92
C PRO B 32 17.10 9.39 -2.46
N ALA B 33 16.56 10.56 -2.14
CA ALA B 33 16.02 10.90 -0.82
C ALA B 33 14.70 10.15 -0.55
N ALA B 34 13.95 9.88 -1.62
CA ALA B 34 12.69 9.11 -1.56
C ALA B 34 12.99 7.64 -1.17
N MET B 35 14.15 7.11 -1.58
CA MET B 35 14.52 5.68 -1.33
C MET B 35 15.16 5.47 0.07
N ALA B 36 15.30 6.52 0.87
CA ALA B 36 15.89 6.37 2.19
C ALA B 36 14.94 5.61 3.12
N ASP B 37 15.52 4.91 4.09
CA ASP B 37 14.84 4.02 5.02
C ASP B 37 14.44 4.81 6.29
N THR B 38 15.10 5.94 6.52
CA THR B 38 14.81 6.71 7.68
C THR B 38 14.56 8.15 7.24
N PHE B 39 13.90 8.92 8.10
CA PHE B 39 13.61 10.27 7.83
C PHE B 39 14.93 11.04 7.83
N LEU B 40 15.78 10.81 8.84
CA LEU B 40 17.13 11.36 8.94
C LEU B 40 17.99 11.09 7.69
N GLU B 41 18.00 9.83 7.19
CA GLU B 41 18.73 9.50 5.93
C GLU B 41 18.11 10.28 4.78
N HIS B 42 16.77 10.35 4.76
CA HIS B 42 16.04 11.11 3.77
C HIS B 42 16.59 12.54 3.70
N LEU B 43 16.66 13.22 4.87
CA LEU B 43 17.13 14.60 4.94
C LEU B 43 18.55 14.69 4.39
N CYS B 44 19.40 13.76 4.81
CA CYS B 44 20.81 13.68 4.40
C CYS B 44 20.98 13.58 2.88
N LEU B 45 20.03 12.93 2.19
CA LEU B 45 20.19 12.71 0.73
C LEU B 45 19.52 13.80 -0.11
N LEU B 46 18.82 14.77 0.52
CA LEU B 46 18.28 15.90 -0.23
C LEU B 46 19.41 16.59 -1.02
N ASP B 47 19.09 17.04 -2.24
CA ASP B 47 20.14 17.39 -3.22
C ASP B 47 19.62 18.54 -4.08
N ILE B 48 20.41 19.62 -4.09
CA ILE B 48 20.07 20.87 -4.74
C ILE B 48 20.18 20.74 -6.26
N ASP B 49 20.91 19.73 -6.74
CA ASP B 49 21.08 19.45 -8.18
C ASP B 49 20.02 18.50 -8.75
N SER B 50 19.16 17.94 -7.89
CA SER B 50 18.07 17.05 -8.25
C SER B 50 16.87 17.93 -8.61
N GLN B 51 16.60 18.06 -9.92
CA GLN B 51 15.64 19.05 -10.39
C GLN B 51 14.23 18.48 -10.28
N PRO B 52 13.24 19.30 -9.87
CA PRO B 52 11.84 18.85 -9.82
C PRO B 52 11.10 18.79 -11.16
N VAL B 53 9.98 18.03 -11.19
CA VAL B 53 8.98 18.02 -12.29
C VAL B 53 8.24 19.37 -12.37
N ALA B 54 7.62 19.62 -13.53
CA ALA B 54 6.84 20.88 -13.81
C ALA B 54 5.54 20.93 -12.97
N ALA B 55 4.95 19.77 -12.67
CA ALA B 55 3.66 19.68 -12.00
C ALA B 55 3.79 20.05 -10.51
N ARG B 56 3.28 21.24 -10.16
CA ARG B 56 3.30 21.78 -8.87
C ARG B 56 1.92 21.65 -8.25
N SER B 57 1.89 20.93 -7.12
CA SER B 57 0.70 20.31 -6.64
C SER B 57 0.05 21.13 -5.53
N THR B 58 0.78 22.05 -4.91
CA THR B 58 0.22 22.90 -3.84
C THR B 58 -0.35 24.16 -4.50
N SER B 59 -1.61 24.47 -4.22
CA SER B 59 -2.35 25.56 -4.92
C SER B 59 -1.90 26.92 -4.36
N ILE B 60 -1.88 27.94 -5.22
CA ILE B 60 -1.66 29.32 -4.84
C ILE B 60 -3.00 30.07 -4.86
N ILE B 61 -3.43 30.49 -3.68
CA ILE B 61 -4.44 31.49 -3.50
C ILE B 61 -3.76 32.88 -3.49
N ALA B 62 -4.15 33.75 -4.43
CA ALA B 62 -3.73 35.18 -4.50
C ALA B 62 -4.90 36.07 -4.09
N THR B 63 -4.68 36.94 -3.09
CA THR B 63 -5.63 37.96 -2.67
C THR B 63 -5.65 39.03 -3.76
N ILE B 64 -6.90 39.38 -4.16
CA ILE B 64 -7.21 40.35 -5.23
C ILE B 64 -7.50 41.72 -4.58
N GLY B 65 -6.66 42.71 -4.95
CA GLY B 65 -6.76 44.14 -4.59
C GLY B 65 -6.19 45.06 -5.66
N PRO B 66 -5.93 46.35 -5.32
CA PRO B 66 -5.31 47.32 -6.21
C PRO B 66 -4.24 46.88 -7.24
N ALA B 67 -3.36 45.93 -6.89
CA ALA B 67 -2.20 45.56 -7.73
C ALA B 67 -2.50 44.36 -8.64
N SER B 68 -3.71 43.81 -8.53
CA SER B 68 -4.04 42.54 -9.15
C SER B 68 -5.46 42.55 -9.72
N ARG B 69 -5.82 43.59 -10.46
CA ARG B 69 -7.23 43.77 -10.94
C ARG B 69 -7.26 43.91 -12.46
N SER B 70 -6.37 44.76 -13.00
CA SER B 70 -6.01 44.81 -14.40
C SER B 70 -6.01 43.39 -15.00
N VAL B 71 -6.81 43.22 -16.05
CA VAL B 71 -6.94 42.03 -16.82
C VAL B 71 -5.58 41.59 -17.37
N ASP B 72 -4.70 42.53 -17.71
CA ASP B 72 -3.34 42.16 -18.18
C ASP B 72 -2.56 41.47 -17.03
N ARG B 73 -2.75 41.94 -15.78
CA ARG B 73 -2.01 41.43 -14.60
C ARG B 73 -2.56 40.04 -14.23
N LEU B 74 -3.88 39.95 -13.99
CA LEU B 74 -4.54 38.65 -13.81
C LEU B 74 -4.00 37.59 -14.81
N LYS B 75 -3.90 37.94 -16.09
CA LYS B 75 -3.45 36.99 -17.12
C LYS B 75 -2.02 36.51 -16.81
N GLU B 76 -1.21 37.42 -16.25
CA GLU B 76 0.18 37.15 -15.94
C GLU B 76 0.25 36.23 -14.70
N MET B 77 -0.64 36.53 -13.75
CA MET B 77 -0.72 35.85 -12.49
C MET B 77 -1.20 34.41 -12.69
N ILE B 78 -2.07 34.21 -13.68
CA ILE B 78 -2.54 32.91 -14.05
C ILE B 78 -1.38 32.14 -14.68
N LYS B 79 -0.57 32.80 -15.51
CA LYS B 79 0.54 32.09 -16.19
C LYS B 79 1.62 31.75 -15.16
N ALA B 80 1.76 32.60 -14.14
CA ALA B 80 2.76 32.46 -13.09
C ALA B 80 2.45 31.22 -12.26
N GLY B 81 1.16 31.06 -11.90
CA GLY B 81 0.63 29.78 -11.48
C GLY B 81 -0.44 29.90 -10.42
N MET B 82 -1.17 31.02 -10.42
CA MET B 82 -2.29 31.30 -9.53
C MET B 82 -3.49 30.40 -9.85
N ASN B 83 -4.14 29.86 -8.81
CA ASN B 83 -5.20 28.87 -8.99
C ASN B 83 -6.51 29.35 -8.39
N ILE B 84 -6.43 30.09 -7.28
CA ILE B 84 -7.59 30.63 -6.60
C ILE B 84 -7.36 32.12 -6.36
N ALA B 85 -8.44 32.90 -6.52
CA ALA B 85 -8.43 34.33 -6.37
C ALA B 85 -9.29 34.70 -5.16
N ARG B 86 -8.68 35.44 -4.23
CA ARG B 86 -9.33 35.70 -2.97
C ARG B 86 -9.87 37.13 -2.97
N LEU B 87 -11.15 37.26 -2.64
CA LEU B 87 -11.80 38.54 -2.57
C LEU B 87 -12.00 38.84 -1.09
N ASN B 88 -11.24 39.83 -0.61
CA ASN B 88 -11.26 40.19 0.81
C ASN B 88 -12.42 41.16 1.05
N PHE B 89 -13.58 40.60 1.44
CA PHE B 89 -14.83 41.38 1.62
C PHE B 89 -14.80 42.21 2.91
N SER B 90 -13.66 42.23 3.58
CA SER B 90 -13.49 43.14 4.70
C SER B 90 -13.40 44.58 4.15
N HIS B 91 -12.71 44.77 3.02
CA HIS B 91 -12.63 46.05 2.24
C HIS B 91 -13.40 45.93 0.91
N GLY B 92 -13.45 47.05 0.18
CA GLY B 92 -14.08 47.16 -1.15
C GLY B 92 -15.60 47.09 -1.10
N SER B 93 -16.22 47.61 -2.15
CA SER B 93 -17.68 47.57 -2.31
C SER B 93 -18.11 46.39 -3.19
N HIS B 94 -19.34 45.92 -2.94
CA HIS B 94 -20.01 44.90 -3.75
C HIS B 94 -19.71 45.10 -5.23
N GLU B 95 -19.82 46.32 -5.73
CA GLU B 95 -19.60 46.56 -7.15
C GLU B 95 -18.09 46.55 -7.44
N TYR B 96 -17.29 47.00 -6.46
CA TYR B 96 -15.81 46.90 -6.56
C TYR B 96 -15.43 45.45 -6.88
N HIS B 97 -16.10 44.53 -6.15
CA HIS B 97 -15.77 43.13 -6.15
C HIS B 97 -16.30 42.46 -7.41
N ALA B 98 -17.53 42.80 -7.81
CA ALA B 98 -18.10 42.31 -9.05
C ALA B 98 -17.21 42.79 -10.20
N GLU B 99 -16.60 43.96 -10.04
CA GLU B 99 -15.66 44.39 -11.06
C GLU B 99 -14.45 43.44 -11.05
N SER B 100 -13.98 43.04 -9.86
CA SER B 100 -12.89 42.04 -9.68
C SER B 100 -13.28 40.68 -10.28
N ILE B 101 -14.45 40.18 -9.88
CA ILE B 101 -14.96 38.87 -10.34
C ILE B 101 -15.01 38.83 -11.88
N ALA B 102 -15.68 39.81 -12.48
CA ALA B 102 -15.80 39.92 -13.93
C ALA B 102 -14.41 40.01 -14.56
N ASN B 103 -13.53 40.82 -13.95
CA ASN B 103 -12.15 40.99 -14.44
C ASN B 103 -11.43 39.62 -14.44
N ILE B 104 -11.70 38.79 -13.43
CA ILE B 104 -10.98 37.51 -13.25
C ILE B 104 -11.48 36.54 -14.33
N ARG B 105 -12.81 36.43 -14.43
CA ARG B 105 -13.42 35.58 -15.41
C ARG B 105 -12.88 35.95 -16.81
N GLU B 106 -12.78 37.24 -17.10
CA GLU B 106 -12.35 37.65 -18.43
C GLU B 106 -10.94 37.07 -18.65
N ALA B 107 -10.06 37.25 -17.66
CA ALA B 107 -8.67 36.81 -17.74
C ALA B 107 -8.61 35.28 -17.87
N THR B 108 -9.41 34.61 -17.03
CA THR B 108 -9.46 33.15 -17.10
C THR B 108 -9.92 32.71 -18.50
N GLU B 109 -11.07 33.24 -18.94
CA GLU B 109 -11.78 32.71 -20.11
C GLU B 109 -11.01 33.05 -21.37
N SER B 110 -10.13 34.07 -21.32
CA SER B 110 -9.23 34.45 -22.46
C SER B 110 -8.33 33.28 -22.91
N PHE B 111 -8.33 32.18 -22.14
CA PHE B 111 -7.45 31.05 -22.43
C PHE B 111 -8.26 29.84 -22.90
N ALA B 112 -9.60 29.92 -22.78
CA ALA B 112 -10.56 28.84 -23.15
C ALA B 112 -10.41 28.47 -24.64
N THR B 113 -9.70 29.32 -25.37
CA THR B 113 -9.50 29.19 -26.79
C THR B 113 -8.64 27.98 -27.14
N SEP B 114 -7.75 27.57 -26.22
CA SEP B 114 -6.94 26.37 -26.43
CB SEP B 114 -5.47 26.74 -26.61
OG SEP B 114 -5.34 27.72 -27.63
C SEP B 114 -7.14 25.45 -25.23
O SEP B 114 -6.30 25.38 -24.35
P SEP B 114 -3.93 28.46 -27.92
O1P SEP B 114 -3.85 29.50 -26.81
O2P SEP B 114 -4.09 29.05 -29.31
O3P SEP B 114 -2.88 27.37 -27.89
N PRO B 115 -8.27 24.69 -25.16
CA PRO B 115 -8.69 24.03 -23.93
C PRO B 115 -7.79 22.90 -23.39
N LEU B 116 -6.74 22.52 -24.15
CA LEU B 116 -5.69 21.60 -23.73
C LEU B 116 -4.69 22.30 -22.77
N SER B 117 -4.69 23.64 -22.73
CA SER B 117 -3.78 24.39 -21.82
C SER B 117 -4.58 25.33 -20.91
N TYR B 118 -5.92 25.20 -20.94
CA TYR B 118 -6.83 26.01 -20.15
C TYR B 118 -6.72 25.66 -18.66
N ARG B 119 -6.49 26.68 -17.84
CA ARG B 119 -6.27 26.54 -16.41
C ARG B 119 -7.48 27.09 -15.67
N PRO B 120 -8.35 26.25 -15.08
CA PRO B 120 -9.49 26.74 -14.32
C PRO B 120 -8.96 27.52 -13.11
N VAL B 121 -9.68 28.59 -12.78
CA VAL B 121 -9.32 29.51 -11.77
C VAL B 121 -10.53 29.69 -10.85
N ALA B 122 -10.31 29.36 -9.58
CA ALA B 122 -11.34 29.36 -8.59
C ALA B 122 -11.42 30.77 -8.03
N ILE B 123 -12.58 31.09 -7.44
CA ILE B 123 -12.86 32.39 -6.92
C ILE B 123 -13.37 32.23 -5.49
N ALA B 124 -12.61 32.75 -4.55
CA ALA B 124 -12.96 32.60 -3.14
C ALA B 124 -13.35 33.97 -2.57
N LEU B 125 -14.33 33.91 -1.68
CA LEU B 125 -14.93 35.06 -1.05
C LEU B 125 -14.49 35.07 0.41
N ASP B 126 -13.59 36.00 0.76
CA ASP B 126 -13.12 36.09 2.14
C ASP B 126 -14.06 37.00 2.93
N THR B 127 -14.75 36.38 3.87
CA THR B 127 -15.70 37.00 4.74
C THR B 127 -15.01 38.09 5.61
N LYS B 128 -15.84 39.06 6.03
CA LYS B 128 -15.46 40.15 6.94
C LYS B 128 -15.57 39.63 8.38
N GLY B 129 -16.72 39.03 8.67
CA GLY B 129 -16.92 38.30 9.91
C GLY B 129 -17.00 39.21 11.12
N PRO B 130 -17.26 38.65 12.32
CA PRO B 130 -17.18 39.40 13.58
C PRO B 130 -15.98 40.35 13.71
N GLU B 131 -16.24 41.66 13.61
CA GLU B 131 -15.24 42.69 13.87
C GLU B 131 -15.55 43.30 15.25
N ILE B 132 -14.52 43.94 15.81
CA ILE B 132 -14.63 44.77 17.02
C ILE B 132 -13.74 45.99 16.79
N ARG B 133 -14.38 47.18 16.76
CA ARG B 133 -13.76 48.47 16.45
C ARG B 133 -13.86 49.41 17.67
N THR B 134 -12.91 50.34 17.76
CA THR B 134 -12.88 51.40 18.77
C THR B 134 -13.65 52.62 18.27
N GLY B 135 -14.23 53.36 19.23
CA GLY B 135 -14.93 54.61 18.96
C GLY B 135 -13.99 55.69 18.47
N VAL B 136 -14.58 56.85 18.12
CA VAL B 136 -13.85 57.99 17.57
C VAL B 136 -13.11 58.67 18.73
N LEU B 137 -12.01 59.38 18.42
CA LEU B 137 -11.18 60.06 19.44
C LEU B 137 -11.42 61.58 19.42
N GLN B 138 -12.25 62.03 20.36
CA GLN B 138 -12.61 63.45 20.63
C GLN B 138 -13.32 64.07 19.42
N GLY B 139 -13.90 63.23 18.55
CA GLY B 139 -14.62 63.67 17.36
C GLY B 139 -13.89 63.34 16.06
N GLY B 140 -12.66 63.85 15.93
CA GLY B 140 -11.93 63.94 14.65
C GLY B 140 -11.46 62.58 14.14
N PRO B 141 -11.69 62.24 12.84
CA PRO B 141 -11.36 60.92 12.31
C PRO B 141 -9.89 60.74 11.93
N GLU B 142 -9.02 61.69 12.31
CA GLU B 142 -7.58 61.58 12.10
C GLU B 142 -6.81 62.09 13.33
N SER B 143 -7.47 62.12 14.49
CA SER B 143 -6.86 62.52 15.77
C SER B 143 -6.26 61.29 16.48
N GLU B 144 -4.96 61.38 16.81
CA GLU B 144 -4.13 60.22 17.17
C GLU B 144 -3.55 60.41 18.59
N VAL B 145 -4.30 59.93 19.59
CA VAL B 145 -3.93 59.95 21.02
C VAL B 145 -2.66 59.10 21.21
N GLU B 146 -1.97 59.30 22.35
CA GLU B 146 -0.94 58.35 22.85
C GLU B 146 -1.41 57.80 24.21
N ILE B 147 -0.92 56.61 24.57
CA ILE B 147 -1.14 56.00 25.91
C ILE B 147 0.22 55.59 26.49
N VAL B 148 0.36 55.81 27.81
CA VAL B 148 1.56 55.44 28.59
C VAL B 148 1.34 54.05 29.18
N LYS B 149 2.45 53.33 29.42
CA LYS B 149 2.38 51.92 29.80
C LYS B 149 1.73 51.77 31.20
N GLY B 150 2.39 52.23 32.26
CA GLY B 150 1.96 51.94 33.64
C GLY B 150 0.75 52.78 34.05
N SER B 151 -0.39 52.52 33.41
CA SER B 151 -1.49 53.49 33.29
C SER B 151 -2.79 52.96 33.93
N GLN B 152 -3.91 53.64 33.64
CA GLN B 152 -5.30 53.17 33.90
C GLN B 152 -6.16 53.51 32.67
N VAL B 153 -6.90 52.50 32.15
CA VAL B 153 -7.72 52.65 30.94
C VAL B 153 -9.09 51.97 31.17
N LEU B 154 -10.10 52.49 30.47
CA LEU B 154 -11.53 52.15 30.64
C LEU B 154 -12.12 51.74 29.29
N VAL B 155 -12.81 50.61 29.28
CA VAL B 155 -13.52 50.09 28.12
C VAL B 155 -15.03 50.12 28.46
N THR B 156 -15.82 50.82 27.64
CA THR B 156 -17.22 51.10 28.00
C THR B 156 -18.21 50.56 26.97
N VAL B 157 -19.39 50.24 27.48
CA VAL B 157 -20.58 49.92 26.74
C VAL B 157 -21.26 51.22 26.27
N ASP B 158 -21.19 52.27 27.10
CA ASP B 158 -22.06 53.49 27.02
C ASP B 158 -21.90 54.20 25.67
N PRO B 159 -23.01 54.43 24.91
CA PRO B 159 -22.93 54.98 23.55
C PRO B 159 -22.47 56.43 23.38
N LYS B 160 -22.49 57.25 24.44
CA LYS B 160 -22.09 58.68 24.33
C LYS B 160 -20.57 58.79 24.19
N PHE B 161 -19.85 57.78 24.70
CA PHE B 161 -18.39 57.71 24.61
C PHE B 161 -17.96 57.33 23.19
N GLN B 162 -18.89 56.83 22.37
CA GLN B 162 -18.65 56.52 20.95
C GLN B 162 -17.67 57.52 20.34
N THR B 163 -17.92 58.80 20.58
CA THR B 163 -17.11 59.90 20.04
C THR B 163 -16.18 60.47 21.13
N ARG B 164 -16.60 60.45 22.40
CA ARG B 164 -15.77 60.96 23.53
C ARG B 164 -14.72 59.90 23.89
N GLY B 165 -13.68 59.82 23.06
CA GLY B 165 -12.57 58.87 23.19
C GLY B 165 -11.30 59.53 23.72
N ASP B 166 -11.14 59.49 25.06
CA ASP B 166 -9.99 60.05 25.76
C ASP B 166 -8.75 59.17 25.50
N ALA B 167 -7.64 59.52 26.17
CA ALA B 167 -6.52 58.61 26.36
C ALA B 167 -6.78 57.70 27.57
N LYS B 168 -7.74 58.09 28.41
CA LYS B 168 -8.09 57.40 29.65
C LYS B 168 -9.23 56.39 29.42
N THR B 169 -10.09 56.65 28.44
CA THR B 169 -11.32 55.89 28.24
C THR B 169 -11.52 55.64 26.74
N VAL B 170 -11.98 54.42 26.37
CA VAL B 170 -12.40 54.07 24.99
C VAL B 170 -13.59 53.10 25.04
N TRP B 171 -14.52 53.29 24.09
CA TRP B 171 -15.70 52.45 23.81
C TRP B 171 -15.41 51.60 22.55
N VAL B 172 -16.09 50.46 22.44
CA VAL B 172 -15.87 49.53 21.35
C VAL B 172 -17.21 48.86 20.97
N ASP B 173 -17.35 48.57 19.66
CA ASP B 173 -18.59 48.06 19.04
C ASP B 173 -19.25 46.98 19.92
N TYR B 174 -18.47 45.92 20.18
CA TYR B 174 -18.96 44.72 20.86
C TYR B 174 -19.54 45.09 22.23
N HIS B 175 -20.87 44.95 22.38
CA HIS B 175 -21.56 45.37 23.58
C HIS B 175 -21.12 44.51 24.77
N ASN B 176 -21.26 43.18 24.65
CA ASN B 176 -21.33 42.27 25.83
C ASN B 176 -19.93 41.85 26.30
N ILE B 177 -19.10 42.80 26.73
CA ILE B 177 -17.75 42.52 27.21
C ILE B 177 -17.81 42.27 28.72
N THR B 178 -18.60 43.10 29.43
CA THR B 178 -18.81 42.98 30.87
C THR B 178 -18.89 41.49 31.29
N ARG B 179 -19.75 40.73 30.59
CA ARG B 179 -20.07 39.34 30.93
C ARG B 179 -18.94 38.38 30.51
N VAL B 180 -18.41 38.58 29.30
CA VAL B 180 -17.70 37.55 28.54
C VAL B 180 -16.20 37.59 28.83
N VAL B 181 -15.61 38.80 28.90
CA VAL B 181 -14.25 38.96 29.42
C VAL B 181 -14.37 38.92 30.95
N ALA B 182 -13.44 38.18 31.58
CA ALA B 182 -13.36 38.06 33.05
C ALA B 182 -12.11 38.78 33.57
N VAL B 183 -12.04 38.89 34.91
CA VAL B 183 -10.96 39.60 35.62
C VAL B 183 -9.61 38.94 35.29
N GLY B 184 -8.79 39.64 34.49
CA GLY B 184 -7.44 39.18 34.11
C GLY B 184 -7.25 39.00 32.60
N GLY B 185 -8.36 38.78 31.86
CA GLY B 185 -8.36 38.66 30.40
C GLY B 185 -7.69 39.85 29.71
N ARG B 186 -7.12 39.60 28.53
CA ARG B 186 -6.29 40.59 27.84
C ARG B 186 -7.12 41.25 26.74
N ILE B 187 -6.86 42.55 26.49
CA ILE B 187 -7.53 43.38 25.47
C ILE B 187 -6.46 44.06 24.59
N TYR B 188 -6.13 43.39 23.47
CA TYR B 188 -5.18 43.87 22.44
C TYR B 188 -5.91 44.85 21.51
N ILE B 189 -5.18 45.82 20.95
CA ILE B 189 -5.73 46.84 20.07
C ILE B 189 -4.70 47.21 18.97
N ASP B 190 -5.17 47.20 17.72
CA ASP B 190 -4.43 47.51 16.47
C ASP B 190 -3.20 46.60 16.32
N ASP B 191 -3.41 45.43 15.70
CA ASP B 191 -2.39 44.38 15.47
C ASP B 191 -1.69 44.07 16.80
N GLY B 192 -2.51 44.04 17.87
CA GLY B 192 -2.09 43.83 19.24
C GLY B 192 -0.89 44.66 19.62
N LEU B 193 -0.99 45.97 19.37
CA LEU B 193 0.05 46.95 19.73
C LEU B 193 -0.12 47.41 21.19
N ILE B 194 -1.35 47.28 21.72
CA ILE B 194 -1.76 47.82 23.01
C ILE B 194 -2.50 46.74 23.79
N SER B 195 -1.93 46.32 24.94
CA SER B 195 -2.54 45.28 25.80
C SER B 195 -3.10 45.92 27.07
N LEU B 196 -4.23 45.40 27.54
CA LEU B 196 -4.83 45.83 28.80
C LEU B 196 -5.22 44.57 29.62
N VAL B 197 -4.71 44.49 30.86
CA VAL B 197 -5.15 43.46 31.79
C VAL B 197 -6.37 44.00 32.55
N VAL B 198 -7.50 43.30 32.40
CA VAL B 198 -8.76 43.66 33.02
C VAL B 198 -8.64 43.34 34.52
N GLN B 199 -8.98 44.34 35.35
CA GLN B 199 -8.79 44.30 36.80
C GLN B 199 -10.14 44.14 37.50
N LYS B 200 -11.09 45.02 37.17
CA LYS B 200 -12.40 45.05 37.83
C LYS B 200 -13.53 45.05 36.78
N ILE B 201 -14.48 44.14 36.97
CA ILE B 201 -15.75 44.12 36.24
C ILE B 201 -16.72 45.02 37.00
N GLY B 202 -16.63 46.33 36.74
CA GLY B 202 -17.53 47.32 37.35
C GLY B 202 -18.82 47.45 36.56
N PRO B 203 -19.90 48.02 37.14
CA PRO B 203 -21.05 48.49 36.36
C PRO B 203 -20.72 49.60 35.33
N GLU B 204 -19.60 50.31 35.55
CA GLU B 204 -19.11 51.41 34.67
C GLU B 204 -18.61 50.87 33.31
N GLY B 205 -17.97 49.70 33.37
CA GLY B 205 -17.38 49.04 32.21
C GLY B 205 -16.35 48.01 32.65
N LEU B 206 -15.10 48.23 32.24
CA LEU B 206 -13.97 47.36 32.57
C LEU B 206 -12.76 48.23 32.93
N VAL B 207 -12.36 48.23 34.20
CA VAL B 207 -11.21 49.01 34.65
C VAL B 207 -9.96 48.18 34.34
N THR B 208 -9.11 48.69 33.44
CA THR B 208 -8.01 47.95 32.85
C THR B 208 -6.68 48.61 33.25
N GLU B 209 -5.59 47.87 33.03
CA GLU B 209 -4.22 48.35 33.16
C GLU B 209 -3.47 48.09 31.85
N VAL B 210 -2.94 49.14 31.23
CA VAL B 210 -2.15 49.02 30.02
C VAL B 210 -0.91 48.15 30.33
N GLU B 211 -0.32 47.51 29.31
CA GLU B 211 0.94 46.75 29.44
C GLU B 211 1.95 47.21 28.38
N HIS B 212 1.55 47.14 27.11
CA HIS B 212 2.30 47.76 26.04
C HIS B 212 1.52 49.01 25.59
N GLY B 213 2.25 50.03 25.14
CA GLY B 213 1.67 51.28 24.67
C GLY B 213 2.15 51.64 23.28
N GLY B 214 1.76 52.85 22.84
CA GLY B 214 2.02 53.35 21.50
C GLY B 214 0.89 54.26 21.05
N ILE B 215 0.95 54.70 19.79
CA ILE B 215 0.00 55.68 19.21
C ILE B 215 -1.36 54.99 18.98
N LEU B 216 -2.42 55.81 18.82
CA LEU B 216 -3.83 55.36 18.69
C LEU B 216 -4.44 55.89 17.38
N GLY B 217 -5.69 55.47 17.14
CA GLY B 217 -6.60 56.05 16.16
C GLY B 217 -8.04 55.76 16.56
N SER B 218 -8.93 55.71 15.57
CA SER B 218 -10.33 55.34 15.82
C SER B 218 -10.77 54.27 14.81
N ARG B 219 -11.62 53.36 15.29
CA ARG B 219 -12.09 52.22 14.51
C ARG B 219 -10.88 51.48 13.95
N LYS B 220 -10.18 50.79 14.87
CA LYS B 220 -9.05 49.89 14.58
C LYS B 220 -9.27 48.58 15.36
N GLY B 221 -8.80 47.47 14.79
CA GLY B 221 -9.13 46.11 15.24
C GLY B 221 -8.73 45.88 16.68
N VAL B 222 -9.59 45.22 17.45
CA VAL B 222 -9.27 44.81 18.83
C VAL B 222 -9.52 43.30 18.96
N ASN B 223 -8.67 42.63 19.73
CA ASN B 223 -8.79 41.20 19.95
C ASN B 223 -9.03 40.89 21.44
N LEU B 224 -9.69 39.76 21.70
CA LEU B 224 -10.08 39.28 23.03
C LEU B 224 -9.44 37.91 23.29
N PRO B 225 -8.09 37.83 23.44
CA PRO B 225 -7.40 36.55 23.73
C PRO B 225 -8.04 35.68 24.82
N ASN B 226 -8.16 34.40 24.54
CA ASN B 226 -8.69 33.38 25.48
C ASN B 226 -10.17 33.66 25.83
N THR B 227 -10.78 34.70 25.24
CA THR B 227 -12.18 35.02 25.46
C THR B 227 -13.03 34.36 24.37
N GLU B 228 -14.18 33.79 24.77
CA GLU B 228 -15.19 33.19 23.87
C GLU B 228 -16.17 34.27 23.38
N VAL B 229 -15.80 34.89 22.24
CA VAL B 229 -16.51 35.99 21.56
C VAL B 229 -18.01 35.66 21.46
N ASP B 230 -18.85 36.66 21.76
CA ASP B 230 -20.30 36.52 21.96
C ASP B 230 -21.05 36.66 20.63
N LEU B 231 -20.49 37.43 19.69
CA LEU B 231 -21.10 37.76 18.38
C LEU B 231 -21.60 36.49 17.69
N PRO B 232 -22.63 36.59 16.82
CA PRO B 232 -23.29 35.41 16.27
C PRO B 232 -22.50 34.62 15.21
N GLY B 233 -21.49 35.25 14.59
CA GLY B 233 -20.62 34.54 13.60
C GLY B 233 -21.04 34.80 12.17
N LEU B 234 -22.21 35.41 12.00
CA LEU B 234 -22.68 36.06 10.78
C LEU B 234 -23.22 37.45 11.12
N SER B 235 -22.47 38.50 10.76
CA SER B 235 -23.01 39.86 10.81
C SER B 235 -24.25 39.92 9.88
N GLU B 236 -24.83 41.12 9.73
CA GLU B 236 -25.80 41.32 8.68
C GLU B 236 -25.02 41.42 7.36
N GLN B 237 -23.87 42.12 7.41
CA GLN B 237 -22.98 42.33 6.23
C GLN B 237 -22.50 41.00 5.63
N ASP B 238 -22.34 39.97 6.47
CA ASP B 238 -21.91 38.67 5.99
C ASP B 238 -23.11 38.06 5.23
N LEU B 239 -24.25 37.93 5.93
CA LEU B 239 -25.55 37.50 5.37
C LEU B 239 -25.81 38.16 4.01
N LEU B 240 -25.28 39.37 3.83
CA LEU B 240 -25.44 40.13 2.60
C LEU B 240 -24.29 39.82 1.63
N ASP B 241 -23.07 39.66 2.13
CA ASP B 241 -21.89 39.34 1.29
C ASP B 241 -22.00 37.90 0.77
N LEU B 242 -22.50 37.03 1.64
CA LEU B 242 -22.72 35.68 1.24
C LEU B 242 -23.71 35.65 0.05
N ARG B 243 -24.93 36.16 0.26
CA ARG B 243 -25.99 36.11 -0.75
C ARG B 243 -25.46 36.60 -2.10
N PHE B 244 -24.63 37.66 -2.08
CA PHE B 244 -23.90 38.16 -3.30
C PHE B 244 -23.00 37.07 -3.90
N GLY B 245 -22.37 36.27 -3.02
CA GLY B 245 -21.47 35.19 -3.43
C GLY B 245 -22.20 34.12 -4.21
N VAL B 246 -23.36 33.73 -3.67
CA VAL B 246 -24.26 32.84 -4.39
C VAL B 246 -24.62 33.44 -5.77
N GLN B 247 -24.94 34.75 -5.79
CA GLN B 247 -25.35 35.47 -7.01
C GLN B 247 -24.26 35.37 -8.09
N HIS B 248 -22.99 35.51 -7.69
CA HIS B 248 -21.91 35.62 -8.67
C HIS B 248 -21.25 34.26 -8.94
N ASN B 249 -21.80 33.18 -8.37
CA ASN B 249 -21.32 31.80 -8.64
C ASN B 249 -19.90 31.60 -8.06
N VAL B 250 -19.72 31.95 -6.79
CA VAL B 250 -18.40 31.79 -6.15
C VAL B 250 -18.23 30.30 -5.87
N ASP B 251 -16.99 29.82 -5.96
CA ASP B 251 -16.64 28.41 -5.73
C ASP B 251 -16.46 28.12 -4.22
N ILE B 252 -15.84 29.08 -3.51
CA ILE B 252 -15.33 28.83 -2.15
C ILE B 252 -15.72 30.01 -1.25
N ILE B 253 -16.20 29.72 -0.04
CA ILE B 253 -16.21 30.75 1.05
C ILE B 253 -15.06 30.47 2.04
N PHE B 254 -14.26 31.50 2.35
CA PHE B 254 -13.39 31.54 3.54
C PHE B 254 -14.15 32.24 4.69
N ALA B 255 -14.88 31.46 5.48
CA ALA B 255 -15.64 31.91 6.65
C ALA B 255 -14.71 32.39 7.79
N SER B 256 -14.64 33.73 7.97
CA SER B 256 -13.76 34.41 8.99
C SER B 256 -14.23 34.12 10.42
N PHE B 257 -13.24 34.11 11.31
CA PHE B 257 -13.37 33.93 12.77
C PHE B 257 -14.31 32.79 13.14
N VAL B 258 -14.06 31.60 12.57
CA VAL B 258 -14.89 30.46 12.97
C VAL B 258 -14.33 30.04 14.33
N ARG B 259 -15.27 29.69 15.19
CA ARG B 259 -15.08 29.52 16.60
C ARG B 259 -15.78 28.24 17.09
N LYS B 260 -16.81 27.76 16.37
CA LYS B 260 -17.47 26.51 16.70
C LYS B 260 -18.21 25.94 15.49
N ALA B 261 -18.89 24.80 15.69
CA ALA B 261 -19.55 24.09 14.60
C ALA B 261 -20.76 24.92 14.11
N SER B 262 -21.54 25.45 15.06
CA SER B 262 -22.77 26.24 14.82
C SER B 262 -22.49 27.44 13.89
N ASP B 263 -21.28 28.01 13.97
CA ASP B 263 -20.84 29.11 13.07
C ASP B 263 -20.66 28.63 11.62
N VAL B 264 -20.26 27.36 11.46
CA VAL B 264 -20.11 26.80 10.15
C VAL B 264 -21.53 26.52 9.64
N LEU B 265 -22.40 25.96 10.49
CA LEU B 265 -23.78 25.59 10.06
C LEU B 265 -24.53 26.87 9.67
N ALA B 266 -24.28 27.94 10.42
CA ALA B 266 -24.83 29.26 10.14
C ALA B 266 -24.47 29.72 8.72
N VAL B 267 -23.26 29.40 8.25
CA VAL B 267 -22.84 29.80 6.90
C VAL B 267 -23.50 28.88 5.86
N ARG B 268 -23.65 27.60 6.20
CA ARG B 268 -24.25 26.66 5.30
C ARG B 268 -25.74 27.04 5.15
N ASP B 269 -26.40 27.34 6.28
CA ASP B 269 -27.81 27.83 6.34
C ASP B 269 -28.02 29.04 5.41
N ALA B 270 -27.08 29.97 5.48
CA ALA B 270 -27.18 31.25 4.80
C ALA B 270 -26.85 31.11 3.30
N LEU B 271 -26.13 30.06 2.91
CA LEU B 271 -25.85 29.84 1.49
C LEU B 271 -27.08 29.20 0.83
N GLY B 272 -27.88 28.52 1.66
CA GLY B 272 -29.19 27.99 1.32
C GLY B 272 -29.13 26.92 0.23
N PRO B 273 -30.29 26.54 -0.35
CA PRO B 273 -30.33 25.44 -1.31
C PRO B 273 -29.53 25.75 -2.58
N GLU B 274 -29.54 27.03 -2.99
CA GLU B 274 -28.81 27.53 -4.15
C GLU B 274 -27.29 27.38 -3.98
N GLY B 275 -26.79 27.39 -2.73
CA GLY B 275 -25.32 27.40 -2.45
C GLY B 275 -24.78 26.10 -1.83
N GLN B 276 -25.63 25.07 -1.76
CA GLN B 276 -25.30 23.76 -1.27
C GLN B 276 -23.90 23.31 -1.73
N ASN B 277 -23.45 23.69 -2.94
CA ASN B 277 -22.24 23.14 -3.53
C ASN B 277 -21.04 24.09 -3.40
N ILE B 278 -21.25 25.23 -2.73
CA ILE B 278 -20.15 26.15 -2.39
C ILE B 278 -19.29 25.41 -1.34
N LYS B 279 -17.98 25.52 -1.49
CA LYS B 279 -17.06 24.84 -0.56
C LYS B 279 -16.73 25.84 0.54
N ILE B 280 -16.90 25.44 1.80
CA ILE B 280 -16.70 26.30 3.00
C ILE B 280 -15.39 25.91 3.71
N ILE B 281 -14.45 26.84 3.74
CA ILE B 281 -13.16 26.71 4.42
C ILE B 281 -13.20 27.57 5.69
N SER B 282 -13.44 26.97 6.86
CA SER B 282 -13.49 27.71 8.14
C SER B 282 -12.09 28.25 8.52
N LYS B 283 -12.02 29.55 8.78
CA LYS B 283 -10.78 30.23 9.18
C LYS B 283 -10.64 30.14 10.70
N ILE B 284 -9.53 29.56 11.13
CA ILE B 284 -9.21 29.46 12.54
C ILE B 284 -8.26 30.62 12.86
N GLU B 285 -8.77 31.56 13.68
CA GLU B 285 -8.17 32.90 13.90
C GLU B 285 -7.90 33.15 15.40
N ASN B 286 -8.39 32.27 16.28
CA ASN B 286 -8.44 32.54 17.71
C ASN B 286 -8.35 31.23 18.52
N HIS B 287 -8.14 31.38 19.84
CA HIS B 287 -7.88 30.29 20.75
C HIS B 287 -9.10 29.37 20.80
N GLU B 288 -10.31 29.94 20.87
CA GLU B 288 -11.57 29.13 20.89
C GLU B 288 -11.69 28.32 19.58
N GLY B 289 -11.24 28.91 18.46
CA GLY B 289 -11.20 28.19 17.20
C GLY B 289 -10.38 26.91 17.33
N VAL B 290 -9.14 27.08 17.82
CA VAL B 290 -8.17 25.99 17.97
C VAL B 290 -8.70 24.90 18.92
N LYS B 291 -9.47 25.32 19.92
CA LYS B 291 -9.91 24.40 20.95
C LYS B 291 -11.11 23.60 20.44
N LYS B 292 -11.94 24.24 19.59
CA LYS B 292 -13.13 23.58 19.04
C LYS B 292 -12.82 22.97 17.66
N PHE B 293 -11.54 22.97 17.27
CA PHE B 293 -11.07 22.68 15.91
C PHE B 293 -11.75 21.42 15.34
N ASP B 294 -11.76 20.34 16.11
CA ASP B 294 -12.23 19.06 15.63
C ASP B 294 -13.72 19.16 15.22
N GLU B 295 -14.54 19.84 16.03
CA GLU B 295 -15.98 19.95 15.75
C GLU B 295 -16.17 20.90 14.56
N ILE B 296 -15.32 21.92 14.46
CA ILE B 296 -15.37 22.77 13.29
C ILE B 296 -15.10 21.95 12.03
N LEU B 297 -14.11 21.05 12.11
CA LEU B 297 -13.59 20.34 10.98
C LEU B 297 -14.61 19.29 10.50
N GLU B 298 -15.29 18.58 11.41
CA GLU B 298 -16.41 17.61 11.13
C GLU B 298 -17.39 18.18 10.08
N VAL B 299 -17.73 19.48 10.16
CA VAL B 299 -18.83 20.13 9.39
C VAL B 299 -18.29 21.13 8.35
N SER B 300 -16.98 21.32 8.25
CA SER B 300 -16.40 22.14 7.18
C SER B 300 -15.87 21.24 6.04
N ASP B 301 -15.55 21.87 4.92
CA ASP B 301 -14.97 21.18 3.78
C ASP B 301 -13.46 21.33 3.87
N GLY B 302 -13.03 22.39 4.59
CA GLY B 302 -11.63 22.56 4.93
C GLY B 302 -11.38 23.61 5.99
N ILE B 303 -10.11 24.06 6.03
CA ILE B 303 -9.57 24.91 7.07
C ILE B 303 -8.56 25.87 6.45
N MET B 304 -8.65 27.14 6.90
CA MET B 304 -7.51 28.08 6.77
C MET B 304 -6.82 28.26 8.14
N VAL B 305 -5.49 28.22 8.11
CA VAL B 305 -4.68 28.68 9.23
C VAL B 305 -4.36 30.15 8.99
N ALA B 306 -5.22 30.99 9.59
CA ALA B 306 -5.16 32.41 9.40
C ALA B 306 -4.16 33.02 10.39
N ARG B 307 -2.86 32.99 10.06
CA ARG B 307 -1.76 33.22 11.05
C ARG B 307 -1.72 34.70 11.51
N GLY B 308 -2.17 35.62 10.64
CA GLY B 308 -2.36 37.06 11.00
C GLY B 308 -3.07 37.24 12.34
N ASP B 309 -4.38 36.98 12.34
CA ASP B 309 -5.20 37.14 13.53
C ASP B 309 -4.77 36.14 14.61
N LEU B 310 -4.33 34.96 14.18
CA LEU B 310 -4.02 33.90 15.12
C LEU B 310 -2.85 34.32 16.01
N GLY B 311 -1.89 35.05 15.42
CA GLY B 311 -0.64 35.44 16.06
C GLY B 311 -0.78 36.69 16.91
N ILE B 312 -1.99 37.22 16.99
CA ILE B 312 -2.39 38.26 17.94
C ILE B 312 -3.22 37.59 19.04
N GLU B 313 -4.16 36.71 18.66
CA GLU B 313 -5.10 36.13 19.60
C GLU B 313 -4.43 35.06 20.47
N ILE B 314 -3.18 34.69 20.11
CA ILE B 314 -2.31 33.76 20.90
C ILE B 314 -0.86 34.19 20.70
N PRO B 315 0.07 33.84 21.61
CA PRO B 315 1.46 34.27 21.47
C PRO B 315 2.06 33.88 20.11
N ALA B 316 2.81 34.79 19.51
CA ALA B 316 3.38 34.60 18.20
C ALA B 316 4.23 33.33 18.13
N GLU B 317 4.85 32.98 19.27
CA GLU B 317 5.81 31.87 19.33
C GLU B 317 5.04 30.56 19.34
N LYS B 318 3.72 30.60 19.51
CA LYS B 318 2.90 29.39 19.60
C LYS B 318 2.22 29.06 18.26
N VAL B 319 2.39 29.88 17.22
CA VAL B 319 1.56 29.76 16.04
C VAL B 319 1.98 28.52 15.21
N PHE B 320 3.28 28.36 14.96
CA PHE B 320 3.79 27.18 14.27
C PHE B 320 3.17 25.91 14.87
N LEU B 321 2.92 25.89 16.19
CA LEU B 321 2.27 24.73 16.82
C LEU B 321 0.82 24.57 16.33
N ALA B 322 0.07 25.67 16.25
CA ALA B 322 -1.28 25.63 15.80
C ALA B 322 -1.30 25.21 14.33
N GLN B 323 -0.42 25.79 13.52
CA GLN B 323 -0.31 25.45 12.12
C GLN B 323 -0.11 23.93 11.94
N LYS B 324 0.96 23.40 12.56
CA LYS B 324 1.33 22.02 12.42
C LYS B 324 0.23 21.08 12.90
N MET B 325 -0.47 21.44 13.96
CA MET B 325 -1.53 20.58 14.43
C MET B 325 -2.69 20.57 13.42
N MET B 326 -2.94 21.69 12.77
CA MET B 326 -4.17 21.76 11.99
C MET B 326 -3.92 21.11 10.62
N ILE B 327 -2.71 21.28 10.11
CA ILE B 327 -2.35 20.64 8.87
C ILE B 327 -2.39 19.13 9.06
N GLY B 328 -1.88 18.66 10.20
CA GLY B 328 -1.86 17.25 10.47
C GLY B 328 -3.26 16.70 10.63
N ARG B 329 -4.10 17.40 11.38
CA ARG B 329 -5.46 16.93 11.65
C ARG B 329 -6.27 16.94 10.36
N CYS B 330 -5.96 17.88 9.43
CA CYS B 330 -6.67 17.96 8.14
C CYS B 330 -6.21 16.83 7.20
N ASN B 331 -4.89 16.62 7.11
CA ASN B 331 -4.31 15.53 6.37
C ASN B 331 -4.96 14.22 6.81
N LEU B 332 -5.04 14.02 8.12
CA LEU B 332 -5.68 12.84 8.71
C LEU B 332 -7.14 12.75 8.23
N ALA B 333 -7.86 13.89 8.18
CA ALA B 333 -9.29 13.90 7.84
C ALA B 333 -9.49 13.82 6.33
N GLY B 334 -8.49 14.21 5.55
CA GLY B 334 -8.55 14.14 4.11
C GLY B 334 -9.30 15.35 3.56
N LYS B 335 -9.27 16.46 4.31
CA LYS B 335 -9.84 17.76 3.90
C LYS B 335 -8.74 18.78 3.64
N PRO B 336 -8.91 19.69 2.65
CA PRO B 336 -7.89 20.68 2.34
C PRO B 336 -7.63 21.61 3.52
N VAL B 337 -6.43 22.21 3.50
CA VAL B 337 -6.02 23.09 4.51
C VAL B 337 -5.12 24.12 3.85
N VAL B 338 -5.34 25.37 4.26
CA VAL B 338 -4.64 26.49 3.68
C VAL B 338 -3.70 27.11 4.70
N CYS B 339 -2.46 27.40 4.27
CA CYS B 339 -1.60 28.18 5.07
C CYS B 339 -1.58 29.61 4.55
N ALA B 340 -1.82 30.54 5.48
CA ALA B 340 -2.05 31.97 5.16
C ALA B 340 -1.27 32.92 6.10
N THR B 341 -0.61 33.93 5.46
CA THR B 341 -0.30 35.29 5.98
C THR B 341 1.22 35.47 6.10
N GLN B 342 1.72 36.51 5.43
CA GLN B 342 3.08 37.05 5.58
C GLN B 342 4.10 36.04 5.07
N MET B 343 3.64 35.15 4.20
CA MET B 343 4.51 34.09 3.72
C MET B 343 5.68 34.69 2.92
N LEU B 344 5.42 35.79 2.21
CA LEU B 344 6.44 36.45 1.42
C LEU B 344 6.41 37.97 1.69
N GLU B 345 6.07 38.36 2.93
CA GLU B 345 5.86 39.78 3.32
C GLU B 345 6.83 40.73 2.61
N SER B 346 8.13 40.43 2.66
CA SER B 346 9.16 41.36 2.23
C SER B 346 8.89 41.75 0.77
N MET B 347 8.35 40.79 0.01
CA MET B 347 8.18 40.92 -1.42
C MET B 347 7.12 41.98 -1.77
N ILE B 348 6.27 42.41 -0.81
CA ILE B 348 5.44 43.61 -0.99
C ILE B 348 6.27 44.74 -1.62
N THR B 349 7.41 45.07 -0.99
CA THR B 349 8.32 46.15 -1.41
C THR B 349 9.54 45.64 -2.17
N LYS B 350 9.94 44.36 -2.02
CA LYS B 350 11.22 43.96 -2.59
C LYS B 350 11.03 42.85 -3.64
N ALA B 351 11.95 42.81 -4.61
CA ALA B 351 11.89 41.90 -5.75
C ALA B 351 12.04 40.45 -5.29
N ARG B 352 12.86 40.25 -4.24
CA ARG B 352 13.26 38.92 -3.75
C ARG B 352 12.89 38.77 -2.26
N PRO B 353 12.49 37.56 -1.80
CA PRO B 353 12.14 37.37 -0.39
C PRO B 353 13.36 37.11 0.50
N THR B 354 13.14 37.22 1.81
CA THR B 354 14.16 36.92 2.82
C THR B 354 14.38 35.40 2.88
N ARG B 355 15.43 34.97 3.57
CA ARG B 355 15.73 33.56 3.61
C ARG B 355 14.71 32.85 4.52
N ALA B 356 14.03 33.58 5.41
CA ALA B 356 13.01 33.02 6.29
C ALA B 356 11.67 32.84 5.55
N GLU B 357 11.47 33.61 4.49
CA GLU B 357 10.22 33.58 3.74
C GLU B 357 10.19 32.34 2.83
N THR B 358 11.24 32.09 2.07
CA THR B 358 11.27 30.90 1.26
C THR B 358 11.14 29.69 2.20
N SER B 359 11.94 29.68 3.30
CA SER B 359 11.90 28.61 4.27
C SER B 359 10.47 28.40 4.77
N ASP B 360 9.73 29.49 5.07
CA ASP B 360 8.36 29.37 5.57
C ASP B 360 7.43 28.69 4.53
N VAL B 361 7.67 28.96 3.25
CA VAL B 361 6.83 28.40 2.17
C VAL B 361 7.16 26.92 2.03
N ALA B 362 8.45 26.57 1.89
CA ALA B 362 8.87 25.19 1.75
C ALA B 362 8.33 24.34 2.91
N ASN B 363 8.29 24.87 4.16
CA ASN B 363 7.97 24.13 5.35
C ASN B 363 6.47 23.95 5.49
N ALA B 364 5.69 24.90 4.95
CA ALA B 364 4.23 24.75 4.86
C ALA B 364 3.87 23.57 3.94
N VAL B 365 4.53 23.53 2.80
CA VAL B 365 4.39 22.38 1.90
C VAL B 365 4.86 21.09 2.56
N LEU B 366 6.04 21.10 3.22
CA LEU B 366 6.52 19.84 3.89
C LEU B 366 5.63 19.48 5.09
N ASP B 367 4.96 20.47 5.71
CA ASP B 367 4.05 20.21 6.81
C ASP B 367 2.81 19.45 6.34
N GLY B 368 2.38 19.67 5.07
CA GLY B 368 1.19 19.02 4.50
C GLY B 368 0.08 19.96 4.07
N ALA B 369 0.36 21.25 3.86
CA ALA B 369 -0.62 22.24 3.41
C ALA B 369 -1.15 21.89 2.01
N ASP B 370 -2.47 21.88 1.82
CA ASP B 370 -2.98 21.75 0.42
C ASP B 370 -2.75 23.03 -0.37
N CYS B 371 -3.00 24.21 0.23
CA CYS B 371 -2.73 25.50 -0.41
C CYS B 371 -1.95 26.48 0.49
N ILE B 372 -1.25 27.40 -0.18
CA ILE B 372 -0.50 28.50 0.35
C ILE B 372 -1.13 29.77 -0.25
N MET B 373 -1.25 30.84 0.57
CA MET B 373 -1.92 32.09 0.23
C MET B 373 -0.93 33.27 0.24
N LEU B 374 -1.18 34.25 -0.65
CA LEU B 374 -0.51 35.55 -0.70
C LEU B 374 -1.59 36.60 -0.40
N SER B 375 -1.30 37.55 0.51
CA SER B 375 -2.25 38.58 0.89
C SER B 375 -1.86 39.92 0.24
N GLY B 376 -1.29 40.85 1.04
CA GLY B 376 -0.79 42.09 0.52
C GLY B 376 0.23 41.85 -0.60
N GLU B 377 0.95 40.72 -0.58
CA GLU B 377 2.02 40.50 -1.58
C GLU B 377 1.43 40.56 -3.00
N THR B 378 0.12 40.23 -3.14
CA THR B 378 -0.55 40.23 -4.44
C THR B 378 -1.54 41.40 -4.53
N ALA B 379 -2.29 41.62 -3.45
CA ALA B 379 -3.36 42.60 -3.42
C ALA B 379 -2.79 44.02 -3.65
N LYS B 380 -1.95 44.52 -2.73
CA LYS B 380 -1.65 45.97 -2.63
C LYS B 380 -0.16 46.27 -2.91
N GLY B 381 0.61 45.30 -3.38
CA GLY B 381 2.07 45.38 -3.34
C GLY B 381 2.67 45.45 -4.72
N SER B 382 3.98 45.64 -4.77
CA SER B 382 4.68 46.10 -5.93
C SER B 382 5.28 44.96 -6.74
N PHE B 383 5.06 43.70 -6.36
CA PHE B 383 5.66 42.57 -7.12
C PHE B 383 4.70 41.38 -7.20
N PRO B 384 3.38 41.57 -7.48
CA PRO B 384 2.38 40.53 -7.29
C PRO B 384 2.66 39.30 -8.17
N VAL B 385 3.16 39.53 -9.39
CA VAL B 385 3.45 38.47 -10.31
C VAL B 385 4.67 37.67 -9.80
N GLU B 386 5.69 38.33 -9.23
CA GLU B 386 6.91 37.57 -8.88
C GLU B 386 6.70 36.84 -7.55
N ALA B 387 5.79 37.35 -6.71
CA ALA B 387 5.33 36.66 -5.50
C ALA B 387 4.81 35.28 -5.91
N VAL B 388 3.90 35.28 -6.89
CA VAL B 388 3.22 34.07 -7.34
C VAL B 388 4.29 33.09 -7.86
N MET B 389 5.27 33.63 -8.61
CA MET B 389 6.30 32.85 -9.27
C MET B 389 7.22 32.17 -8.24
N MET B 390 7.39 32.87 -7.09
CA MET B 390 8.27 32.50 -5.98
C MET B 390 7.66 31.27 -5.31
N GLN B 391 6.43 31.45 -4.81
CA GLN B 391 5.63 30.40 -4.23
C GLN B 391 5.59 29.21 -5.19
N HIS B 392 5.48 29.49 -6.50
CA HIS B 392 5.39 28.42 -7.46
C HIS B 392 6.70 27.63 -7.48
N ALA B 393 7.84 28.33 -7.49
CA ALA B 393 9.18 27.66 -7.62
C ALA B 393 9.58 26.89 -6.34
N ILE B 394 9.24 27.44 -5.17
CA ILE B 394 9.57 26.85 -3.87
C ILE B 394 8.73 25.57 -3.69
N ALA B 395 7.42 25.70 -3.92
CA ALA B 395 6.50 24.58 -3.82
C ALA B 395 6.96 23.39 -4.69
N ARG B 396 7.46 23.61 -5.91
CA ARG B 396 7.86 22.43 -6.69
C ARG B 396 9.05 21.73 -6.02
N GLU B 397 10.01 22.51 -5.51
CA GLU B 397 11.20 21.95 -4.83
C GLU B 397 10.79 21.24 -3.52
N ALA B 398 9.86 21.81 -2.77
CA ALA B 398 9.43 21.28 -1.48
C ALA B 398 8.56 20.01 -1.66
N GLU B 399 7.65 20.02 -2.64
CA GLU B 399 6.84 18.83 -3.01
C GLU B 399 7.70 17.58 -3.26
N ALA B 400 8.88 17.74 -3.85
CA ALA B 400 9.76 16.61 -4.14
C ALA B 400 10.53 16.14 -2.89
N ALA B 401 10.62 17.02 -1.86
CA ALA B 401 11.41 16.75 -0.65
C ALA B 401 10.55 16.09 0.45
N VAL B 402 9.24 16.04 0.25
CA VAL B 402 8.31 15.23 1.03
C VAL B 402 8.90 13.81 1.09
N TYR B 403 8.80 13.17 2.26
CA TYR B 403 9.22 11.80 2.49
C TYR B 403 8.00 10.91 2.35
N HIS B 404 7.65 10.58 1.09
CA HIS B 404 6.37 9.88 0.83
C HIS B 404 6.35 8.53 1.52
N ARG B 405 7.48 7.83 1.51
CA ARG B 405 7.51 6.52 2.13
C ARG B 405 6.85 6.59 3.53
N GLN B 406 7.24 7.54 4.38
CA GLN B 406 6.64 7.62 5.72
C GLN B 406 5.24 8.25 5.62
N LEU B 407 5.06 9.32 4.87
CA LEU B 407 3.72 9.93 4.79
C LEU B 407 2.66 8.91 4.30
N PHE B 408 2.94 8.18 3.21
CA PHE B 408 1.99 7.26 2.61
C PHE B 408 1.72 6.17 3.63
N GLU B 409 2.80 5.63 4.22
CA GLU B 409 2.65 4.61 5.26
C GLU B 409 1.72 5.07 6.41
N GLU B 410 1.90 6.26 6.97
CA GLU B 410 1.09 6.71 8.12
C GLU B 410 -0.37 6.94 7.73
N LEU B 411 -0.60 7.60 6.61
CA LEU B 411 -1.96 7.85 6.10
C LEU B 411 -2.72 6.53 5.84
N ARG B 412 -2.04 5.56 5.24
CA ARG B 412 -2.58 4.21 4.97
C ARG B 412 -3.09 3.58 6.28
N ARG B 413 -2.22 3.59 7.30
CA ARG B 413 -2.47 2.96 8.59
C ARG B 413 -3.54 3.74 9.35
N ALA B 414 -3.54 5.07 9.18
CA ALA B 414 -4.49 5.90 9.89
C ALA B 414 -5.90 5.80 9.27
N ALA B 415 -5.99 5.57 7.95
CA ALA B 415 -7.28 5.64 7.23
C ALA B 415 -8.08 4.39 7.54
N PRO B 416 -9.43 4.47 7.57
CA PRO B 416 -10.25 3.33 7.96
C PRO B 416 -10.48 2.39 6.76
N LEU B 417 -10.81 1.13 7.07
CA LEU B 417 -11.24 0.19 6.10
C LEU B 417 -12.53 0.76 5.52
N SER B 418 -12.77 0.49 4.25
CA SER B 418 -13.90 0.98 3.55
C SER B 418 -14.37 -0.09 2.59
N ARG B 419 -15.69 -0.16 2.36
CA ARG B 419 -16.28 -0.98 1.35
C ARG B 419 -16.79 -0.14 0.19
N ASP B 420 -16.33 1.11 0.14
CA ASP B 420 -16.68 1.99 -0.88
C ASP B 420 -15.71 1.80 -2.03
N PRO B 421 -16.19 1.36 -3.20
CA PRO B 421 -15.28 1.00 -4.29
C PRO B 421 -14.44 2.19 -4.74
N THR B 422 -14.97 3.38 -4.66
CA THR B 422 -14.13 4.54 -5.00
C THR B 422 -12.91 4.57 -4.04
N GLU B 423 -13.10 4.34 -2.73
CA GLU B 423 -12.00 4.45 -1.72
C GLU B 423 -10.97 3.37 -2.02
N VAL B 424 -11.50 2.17 -2.19
CA VAL B 424 -10.73 1.00 -2.49
C VAL B 424 -9.87 1.20 -3.74
N THR B 425 -10.48 1.73 -4.80
CA THR B 425 -9.82 1.91 -6.08
C THR B 425 -8.68 2.91 -5.91
N ALA B 426 -9.02 4.01 -5.24
CA ALA B 426 -8.11 5.11 -5.02
C ALA B 426 -6.77 4.62 -4.36
N ILE B 427 -6.87 3.84 -3.27
CA ILE B 427 -5.65 3.52 -2.56
C ILE B 427 -4.83 2.52 -3.37
N GLY B 428 -5.53 1.71 -4.17
CA GLY B 428 -4.95 0.80 -5.13
C GLY B 428 -4.17 1.55 -6.18
N ALA B 429 -4.81 2.58 -6.74
CA ALA B 429 -4.19 3.42 -7.74
C ALA B 429 -2.94 4.11 -7.18
N VAL B 430 -3.05 4.60 -5.94
CA VAL B 430 -1.95 5.37 -5.39
C VAL B 430 -0.76 4.43 -5.14
N GLU B 431 -1.04 3.27 -4.57
CA GLU B 431 -0.03 2.24 -4.37
C GLU B 431 0.64 1.89 -5.72
N ALA B 432 -0.16 1.78 -6.80
CA ALA B 432 0.35 1.44 -8.16
C ALA B 432 1.30 2.53 -8.69
N SER B 433 0.88 3.78 -8.49
CA SER B 433 1.61 4.93 -8.92
C SER B 433 3.01 4.90 -8.31
N PHE B 434 3.12 4.32 -7.11
CA PHE B 434 4.38 4.42 -6.36
C PHE B 434 5.31 3.31 -6.84
N LYS B 435 4.73 2.16 -7.15
CA LYS B 435 5.49 1.04 -7.63
C LYS B 435 6.26 1.35 -8.91
N CYS B 436 5.73 2.23 -9.76
CA CYS B 436 6.28 2.44 -11.08
C CYS B 436 6.66 3.90 -11.37
N CYS B 437 6.69 4.74 -10.35
CA CYS B 437 7.05 6.13 -10.51
C CYS B 437 6.19 6.76 -11.59
N ALA B 438 4.86 6.64 -11.42
CA ALA B 438 3.94 7.07 -12.45
C ALA B 438 4.03 8.59 -12.60
N ALA B 439 4.03 9.06 -13.85
CA ALA B 439 4.00 10.48 -14.12
C ALA B 439 2.63 11.05 -13.70
N ALA B 440 1.55 10.25 -13.81
CA ALA B 440 0.27 10.78 -13.47
C ALA B 440 -0.72 9.69 -13.11
N ILE B 441 -1.73 10.09 -12.34
CA ILE B 441 -2.96 9.37 -12.15
C ILE B 441 -4.06 10.18 -12.83
N ILE B 442 -4.69 9.59 -13.86
CA ILE B 442 -5.72 10.28 -14.64
C ILE B 442 -7.06 9.74 -14.15
N VAL B 443 -7.93 10.66 -13.70
CA VAL B 443 -9.18 10.26 -13.05
C VAL B 443 -10.31 11.02 -13.72
N LEU B 444 -11.46 10.36 -13.90
CA LEU B 444 -12.67 11.02 -14.35
C LEU B 444 -13.51 11.22 -13.09
N THR B 445 -14.03 12.44 -12.95
CA THR B 445 -14.85 12.79 -11.82
C THR B 445 -15.88 13.84 -12.25
N LYS B 446 -17.10 13.74 -11.73
CA LYS B 446 -18.16 14.72 -11.98
C LYS B 446 -18.16 15.81 -10.89
N THR B 447 -17.91 15.42 -9.62
CA THR B 447 -17.98 16.32 -8.48
C THR B 447 -16.58 16.67 -7.94
N GLY B 448 -15.53 15.94 -8.32
CA GLY B 448 -14.19 16.09 -7.72
C GLY B 448 -13.87 14.96 -6.75
N ARG B 449 -14.90 14.30 -6.21
CA ARG B 449 -14.74 13.36 -5.10
C ARG B 449 -13.68 12.30 -5.44
N SER B 450 -13.74 11.72 -6.66
CA SER B 450 -12.88 10.62 -7.03
C SER B 450 -11.41 11.08 -6.98
N ALA B 451 -11.18 12.35 -7.33
CA ALA B 451 -9.86 12.92 -7.38
C ALA B 451 -9.39 13.22 -5.94
N GLN B 452 -10.29 13.71 -5.10
CA GLN B 452 -9.98 14.02 -3.72
C GLN B 452 -9.54 12.74 -2.99
N LEU B 453 -10.27 11.64 -3.19
CA LEU B 453 -9.95 10.41 -2.56
C LEU B 453 -8.57 9.88 -2.99
N LEU B 454 -8.00 10.38 -4.10
CA LEU B 454 -6.61 10.06 -4.49
C LEU B 454 -5.63 11.00 -3.73
N SER B 455 -5.90 12.28 -3.83
CA SER B 455 -5.26 13.38 -3.06
C SER B 455 -4.94 12.98 -1.63
N GLN B 456 -5.89 12.33 -0.92
CA GLN B 456 -5.81 12.12 0.51
C GLN B 456 -4.56 11.32 0.88
N TYR B 457 -4.08 10.47 -0.03
CA TYR B 457 -2.93 9.57 0.19
C TYR B 457 -1.62 10.25 -0.25
N ARG B 458 -1.68 11.47 -0.77
CA ARG B 458 -0.51 12.21 -1.14
C ARG B 458 0.38 11.37 -2.06
N PRO B 459 -0.15 10.92 -3.22
CA PRO B 459 0.71 10.40 -4.27
C PRO B 459 1.76 11.42 -4.73
N ARG B 460 2.90 10.94 -5.24
N ARG B 460 2.89 10.93 -5.21
CA ARG B 460 3.91 11.83 -5.79
CA ARG B 460 3.90 11.80 -5.80
C ARG B 460 3.49 12.21 -7.23
C ARG B 460 3.41 12.23 -7.18
N ALA B 461 2.82 11.28 -7.92
CA ALA B 461 2.29 11.51 -9.26
C ALA B 461 1.14 12.52 -9.21
N ALA B 462 1.05 13.31 -10.28
CA ALA B 462 0.03 14.27 -10.45
C ALA B 462 -1.29 13.54 -10.64
N VAL B 463 -2.34 14.03 -9.97
CA VAL B 463 -3.66 13.55 -10.14
C VAL B 463 -4.37 14.46 -11.13
N ILE B 464 -4.40 14.03 -12.40
CA ILE B 464 -5.01 14.78 -13.50
C ILE B 464 -6.50 14.45 -13.53
N ALA B 465 -7.32 15.42 -13.11
CA ALA B 465 -8.75 15.19 -13.02
C ALA B 465 -9.48 15.78 -14.27
N VAL B 466 -10.15 14.91 -15.01
CA VAL B 466 -10.91 15.30 -16.19
C VAL B 466 -12.39 15.45 -15.84
N THR B 467 -12.97 16.63 -16.09
CA THR B 467 -14.37 16.88 -15.68
C THR B 467 -15.03 17.85 -16.67
N ARG B 468 -16.36 17.79 -16.72
CA ARG B 468 -17.24 18.64 -17.53
C ARG B 468 -17.85 19.72 -16.64
N SER B 469 -17.88 19.45 -15.33
CA SER B 469 -18.23 20.44 -14.30
C SER B 469 -17.17 21.54 -14.20
N ALA B 470 -17.51 22.73 -14.69
CA ALA B 470 -16.69 23.91 -14.55
C ALA B 470 -16.47 24.24 -13.04
N GLN B 471 -17.49 24.03 -12.19
CA GLN B 471 -17.42 24.32 -10.78
C GLN B 471 -16.42 23.37 -10.08
N ALA B 472 -16.61 22.07 -10.30
CA ALA B 472 -15.75 21.04 -9.81
C ALA B 472 -14.30 21.33 -10.22
N ALA B 473 -14.05 21.58 -11.50
CA ALA B 473 -12.70 21.85 -12.00
C ALA B 473 -12.03 23.00 -11.24
N ARG B 474 -12.84 23.92 -10.72
CA ARG B 474 -12.35 25.05 -10.00
C ARG B 474 -12.19 24.67 -8.51
N GLN B 475 -13.20 24.02 -7.94
CA GLN B 475 -13.20 23.75 -6.57
C GLN B 475 -12.04 22.78 -6.19
N VAL B 476 -11.52 22.05 -7.16
CA VAL B 476 -10.66 20.87 -6.92
C VAL B 476 -9.21 21.35 -6.67
N HIS B 477 -8.99 22.63 -6.86
CA HIS B 477 -7.72 23.24 -6.56
C HIS B 477 -7.42 23.20 -5.05
N LEU B 478 -8.44 23.00 -4.24
CA LEU B 478 -8.33 22.90 -2.79
C LEU B 478 -7.52 21.67 -2.35
N SER B 479 -7.55 20.60 -3.15
CA SER B 479 -6.99 19.32 -2.89
C SER B 479 -5.61 19.19 -3.54
N ARG B 480 -4.58 19.00 -2.70
CA ARG B 480 -3.19 18.96 -3.13
C ARG B 480 -3.05 17.91 -4.26
N GLY B 481 -2.34 18.31 -5.33
CA GLY B 481 -1.89 17.41 -6.36
C GLY B 481 -2.93 17.13 -7.44
N VAL B 482 -4.11 17.76 -7.36
CA VAL B 482 -5.14 17.61 -8.34
C VAL B 482 -5.09 18.74 -9.37
N PHE B 483 -4.73 18.40 -10.62
CA PHE B 483 -4.65 19.35 -11.73
C PHE B 483 -5.94 19.21 -12.52
N PRO B 484 -6.91 20.15 -12.41
CA PRO B 484 -8.19 20.01 -13.09
C PRO B 484 -8.01 20.33 -14.58
N LEU B 485 -8.65 19.50 -15.42
CA LEU B 485 -8.86 19.80 -16.86
C LEU B 485 -10.35 19.92 -17.12
N LEU B 486 -10.75 20.92 -17.93
CA LEU B 486 -12.18 21.11 -18.30
C LEU B 486 -12.39 20.53 -19.69
N TYR B 487 -13.30 19.54 -19.75
CA TYR B 487 -13.74 18.92 -20.99
C TYR B 487 -15.05 19.58 -21.46
N ARG B 488 -15.05 20.04 -22.71
CA ARG B 488 -16.12 20.85 -23.29
C ARG B 488 -16.99 20.02 -24.26
N GLU B 489 -16.38 19.12 -25.04
CA GLU B 489 -17.07 18.23 -26.03
C GLU B 489 -18.35 17.63 -25.44
N PRO B 490 -19.44 17.55 -26.23
CA PRO B 490 -20.68 16.91 -25.78
C PRO B 490 -20.59 15.39 -25.86
N PRO B 491 -21.45 14.66 -25.13
CA PRO B 491 -21.33 13.21 -25.08
C PRO B 491 -21.29 12.64 -26.50
N GLU B 492 -20.33 11.76 -26.74
CA GLU B 492 -20.38 10.75 -27.77
C GLU B 492 -21.67 9.92 -27.64
N ALA B 493 -21.95 9.10 -28.66
CA ALA B 493 -23.18 8.35 -28.71
C ALA B 493 -23.11 7.23 -27.69
N ILE B 494 -22.00 6.50 -27.73
CA ILE B 494 -21.67 5.33 -26.89
C ILE B 494 -20.82 5.78 -25.68
N TRP B 495 -21.34 5.54 -24.47
CA TRP B 495 -20.77 6.03 -23.19
C TRP B 495 -19.29 5.59 -23.07
N ALA B 496 -19.01 4.33 -23.41
CA ALA B 496 -17.63 3.82 -23.34
C ALA B 496 -16.68 4.65 -24.23
N ASP B 497 -17.17 5.13 -25.41
CA ASP B 497 -16.30 5.90 -26.31
C ASP B 497 -16.09 7.29 -25.68
N ASP B 498 -17.08 7.75 -24.92
CA ASP B 498 -17.03 9.09 -24.31
C ASP B 498 -15.98 9.10 -23.17
N VAL B 499 -15.95 8.00 -22.40
CA VAL B 499 -14.99 7.75 -21.36
C VAL B 499 -13.58 7.76 -21.98
N ASP B 500 -13.38 7.01 -23.04
CA ASP B 500 -12.05 6.90 -23.61
C ASP B 500 -11.58 8.25 -24.15
N ARG B 501 -12.50 9.08 -24.61
CA ARG B 501 -12.13 10.38 -25.22
C ARG B 501 -11.69 11.35 -24.11
N ARG B 502 -12.35 11.26 -22.95
CA ARG B 502 -11.96 12.06 -21.79
C ARG B 502 -10.57 11.62 -21.33
N VAL B 503 -10.32 10.32 -21.34
CA VAL B 503 -9.02 9.83 -20.89
C VAL B 503 -7.95 10.37 -21.85
N GLN B 504 -8.25 10.33 -23.14
CA GLN B 504 -7.29 10.77 -24.17
C GLN B 504 -7.05 12.27 -24.00
N PHE B 505 -8.12 13.02 -23.78
CA PHE B 505 -8.00 14.42 -23.50
C PHE B 505 -7.02 14.62 -22.32
N GLY B 506 -7.27 13.88 -21.23
CA GLY B 506 -6.45 13.88 -20.08
C GLY B 506 -4.99 13.76 -20.46
N ILE B 507 -4.67 12.78 -21.33
CA ILE B 507 -3.26 12.44 -21.65
C ILE B 507 -2.65 13.47 -22.61
N GLU B 508 -3.40 13.86 -23.64
CA GLU B 508 -2.92 14.83 -24.58
C GLU B 508 -2.74 16.16 -23.85
N SER B 509 -3.66 16.49 -22.95
CA SER B 509 -3.58 17.71 -22.08
C SER B 509 -2.25 17.70 -21.31
N GLY B 510 -1.99 16.59 -20.64
CA GLY B 510 -0.72 16.37 -19.99
C GLY B 510 0.46 16.57 -20.92
N LYS B 511 0.44 15.92 -22.09
CA LYS B 511 1.55 15.99 -23.06
C LYS B 511 1.86 17.47 -23.34
N LEU B 512 0.84 18.25 -23.70
CA LEU B 512 1.05 19.64 -24.06
C LEU B 512 1.75 20.40 -22.91
N ARG B 513 1.35 20.12 -21.67
CA ARG B 513 1.78 20.92 -20.53
C ARG B 513 3.12 20.47 -19.93
N GLY B 514 3.75 19.41 -20.45
CA GLY B 514 5.01 18.84 -19.95
C GLY B 514 4.85 17.86 -18.77
N PHE B 515 3.65 17.71 -18.21
CA PHE B 515 3.39 16.73 -17.16
C PHE B 515 3.72 15.30 -17.65
N LEU B 516 3.48 15.02 -18.94
CA LEU B 516 3.62 13.66 -19.51
C LEU B 516 4.50 13.65 -20.77
N ARG B 517 5.36 12.64 -20.88
CA ARG B 517 6.18 12.40 -22.07
C ARG B 517 5.99 10.94 -22.54
N VAL B 518 6.13 10.70 -23.84
CA VAL B 518 5.94 9.36 -24.41
C VAL B 518 6.77 8.36 -23.59
N GLY B 519 6.17 7.19 -23.27
CA GLY B 519 6.82 6.09 -22.56
C GLY B 519 6.74 6.23 -21.04
N ASP B 520 6.01 7.24 -20.57
CA ASP B 520 5.61 7.36 -19.17
C ASP B 520 4.48 6.36 -18.89
N LEU B 521 4.46 5.83 -17.67
CA LEU B 521 3.31 5.09 -17.17
C LEU B 521 2.33 6.07 -16.53
N VAL B 522 1.05 5.81 -16.73
CA VAL B 522 -0.03 6.48 -16.08
C VAL B 522 -0.93 5.41 -15.48
N ILE B 523 -1.65 5.77 -14.40
CA ILE B 523 -2.68 4.97 -13.78
C ILE B 523 -3.96 5.70 -14.22
N VAL B 524 -4.95 4.95 -14.73
CA VAL B 524 -6.19 5.57 -15.24
C VAL B 524 -7.34 5.03 -14.40
N VAL B 525 -8.09 5.93 -13.76
CA VAL B 525 -9.12 5.58 -12.85
C VAL B 525 -10.41 6.07 -13.51
N THR B 526 -11.47 5.25 -13.48
CA THR B 526 -12.73 5.44 -14.21
C THR B 526 -13.75 4.62 -13.45
N GLY B 527 -15.03 4.70 -13.87
CA GLY B 527 -16.10 3.93 -13.24
C GLY B 527 -16.78 3.05 -14.26
N TRP B 528 -17.66 2.14 -13.79
CA TRP B 528 -18.34 1.18 -14.59
C TRP B 528 -19.63 1.71 -15.24
N ARG B 529 -20.16 2.86 -14.80
CA ARG B 529 -21.38 3.44 -15.40
C ARG B 529 -21.49 4.90 -15.03
N PRO B 530 -22.36 5.65 -15.75
CA PRO B 530 -22.46 7.10 -15.61
C PRO B 530 -23.01 7.59 -14.27
N GLY B 531 -22.70 8.85 -13.97
CA GLY B 531 -23.06 9.48 -12.68
C GLY B 531 -22.03 9.20 -11.60
N SER B 532 -22.07 10.06 -10.58
CA SER B 532 -21.16 10.05 -9.44
C SER B 532 -21.30 8.76 -8.64
N GLY B 533 -20.15 8.33 -8.10
CA GLY B 533 -20.06 7.33 -7.04
C GLY B 533 -19.80 5.94 -7.57
N TYR B 534 -19.49 5.82 -8.88
CA TYR B 534 -19.32 4.50 -9.48
C TYR B 534 -17.86 4.21 -9.89
N THR B 535 -16.92 5.07 -9.48
CA THR B 535 -15.48 4.85 -9.73
C THR B 535 -15.08 3.50 -9.16
N ASN B 536 -14.48 2.64 -10.00
CA ASN B 536 -14.21 1.30 -9.51
C ASN B 536 -13.15 0.56 -10.34
N ILE B 537 -12.43 1.27 -11.21
CA ILE B 537 -11.56 0.66 -12.18
C ILE B 537 -10.25 1.44 -12.19
N MET B 538 -9.17 0.69 -12.21
N MET B 538 -9.16 0.70 -12.14
CA MET B 538 -7.81 1.18 -12.28
CA MET B 538 -7.81 1.22 -12.27
C MET B 538 -7.09 0.39 -13.39
C MET B 538 -7.09 0.41 -13.35
N ARG B 539 -6.53 1.09 -14.39
N ARG B 539 -6.48 1.10 -14.32
CA ARG B 539 -5.73 0.54 -15.50
CA ARG B 539 -5.71 0.50 -15.41
C ARG B 539 -4.28 1.11 -15.49
C ARG B 539 -4.30 1.10 -15.49
N VAL B 540 -3.31 0.29 -15.85
CA VAL B 540 -1.95 0.77 -16.06
C VAL B 540 -1.67 0.87 -17.57
N LEU B 541 -1.38 2.08 -18.07
CA LEU B 541 -1.18 2.37 -19.48
C LEU B 541 0.12 3.16 -19.68
N SER B 542 0.67 3.01 -20.88
CA SER B 542 1.81 3.79 -21.37
C SER B 542 1.31 4.99 -22.15
N VAL B 543 2.01 6.13 -22.00
CA VAL B 543 1.79 7.30 -22.87
C VAL B 543 2.37 6.97 -24.26
N SER B 544 1.55 7.27 -25.27
CA SER B 544 1.64 6.73 -26.59
C SER B 544 2.09 7.82 -27.57
N HIS B 545 1.94 7.54 -28.89
CA HIS B 545 2.25 8.44 -30.03
C HIS B 545 3.76 8.68 -30.09
N HIS B 546 4.54 7.62 -29.84
CA HIS B 546 6.01 7.70 -29.61
C HIS B 546 6.69 8.58 -30.68
P1 FBP C . -6.52 -15.04 -23.02
O1P FBP C . -7.90 -14.50 -23.33
O2P FBP C . -6.52 -16.23 -22.17
O3P FBP C . -5.40 -15.03 -24.06
O1 FBP C . -5.95 -13.88 -22.07
C1 FBP C . -6.68 -13.20 -21.09
C2 FBP C . -5.67 -12.54 -20.16
O2 FBP C . -6.42 -11.84 -19.17
C3 FBP C . -4.76 -11.55 -20.88
O3 FBP C . -5.48 -10.33 -21.03
C4 FBP C . -3.58 -11.40 -19.96
O4 FBP C . -2.44 -10.77 -20.59
C5 FBP C . -3.42 -12.82 -19.67
O5 FBP C . -4.74 -13.43 -19.56
C6 FBP C . -2.51 -12.95 -18.48
O6 FBP C . -1.85 -14.21 -18.46
P2 FBP C . -0.39 -14.40 -17.79
O4P FBP C . 0.31 -13.25 -18.39
O5P FBP C . 0.12 -15.78 -18.31
O6P FBP C . -0.74 -14.48 -16.30
C1 GOL D . -1.74 -15.70 5.34
O1 GOL D . -3.15 -15.45 5.14
C2 GOL D . -0.85 -15.73 4.07
O2 GOL D . 0.09 -14.59 4.13
C3 GOL D . -1.70 -15.90 2.75
O3 GOL D . -1.38 -15.00 1.66
C1 GOL E . 12.02 -41.04 1.93
O1 GOL E . 13.27 -40.50 2.38
C2 GOL E . 10.95 -39.94 1.91
O2 GOL E . 11.42 -38.89 1.03
C3 GOL E . 9.57 -40.46 1.42
O3 GOL E . 8.78 -41.07 2.44
C1 PEG F . -19.95 -3.30 -10.29
O1 PEG F . -20.12 -3.96 -9.01
C2 PEG F . -20.79 -3.86 -11.47
O2 PEG F . -20.08 -4.62 -12.50
C3 PEG F . -19.34 -3.93 -13.56
C4 PEG F . -17.87 -3.72 -13.13
O4 PEG F . -16.93 -3.29 -14.12
C1 EDO G . -21.23 -10.42 -9.76
O1 EDO G . -21.41 -11.84 -9.66
C2 EDO G . -21.49 -9.93 -11.17
O2 EDO G . -21.13 -8.55 -11.25
C1 EDO H . -11.57 -24.53 4.00
O1 EDO H . -10.77 -23.52 3.34
C2 EDO H . -12.58 -25.25 3.08
O2 EDO H . -11.94 -25.68 1.86
C1 EDO I . -9.43 -31.61 12.68
O1 EDO I . -8.38 -31.82 13.65
C2 EDO I . -9.31 -32.65 11.57
O2 EDO I . -8.00 -33.26 11.54
P1 FBP J . -19.98 10.58 -16.36
O1P FBP J . -19.20 11.85 -16.39
O2P FBP J . -19.99 10.00 -17.79
O3P FBP J . -21.28 10.75 -15.63
O1 FBP J . -19.29 9.43 -15.51
C1 FBP J . -17.93 9.04 -15.75
C2 FBP J . -17.27 8.50 -14.44
O2 FBP J . -16.02 8.01 -14.84
C3 FBP J . -18.14 7.49 -13.73
O3 FBP J . -17.96 6.19 -14.20
C4 FBP J . -17.84 7.66 -12.27
O4 FBP J . -18.82 7.15 -11.34
C5 FBP J . -17.82 9.17 -12.24
O5 FBP J . -17.09 9.53 -13.49
C6 FBP J . -17.16 9.67 -10.96
O6 FBP J . -17.55 10.94 -10.47
P2 FBP J . -17.36 11.27 -8.86
O4P FBP J . -18.24 12.44 -8.47
O5P FBP J . -17.91 10.07 -8.15
O6P FBP J . -15.85 11.64 -8.83
C1 GOL K . -3.34 22.32 -4.68
O1 GOL K . -4.06 21.65 -3.62
C2 GOL K . -3.32 21.87 -6.16
O2 GOL K . -4.66 21.34 -6.59
C3 GOL K . -2.64 23.00 -6.96
O3 GOL K . -1.41 22.73 -7.72
CAC FLC L . -7.98 41.08 6.36
CA FLC L . -7.00 39.99 5.89
CB FLC L . -5.64 40.49 5.36
CBC FLC L . -4.39 39.80 6.00
CG FLC L . -5.61 40.31 3.86
CGC FLC L . -4.75 41.31 3.13
OA1 FLC L . -7.69 42.32 6.43
OA2 FLC L . -9.12 40.69 6.70
OB1 FLC L . -3.23 39.97 5.53
OB2 FLC L . -4.46 39.06 7.02
OG1 FLC L . -4.17 42.22 3.77
OG2 FLC L . -4.60 41.21 1.90
OHB FLC L . -5.56 41.90 5.65
C1 PEG M . 3.75 16.00 -4.46
O1 PEG M . 4.74 15.46 -3.56
C2 PEG M . 2.48 16.30 -3.67
O2 PEG M . 1.76 15.07 -3.57
C3 PEG M . 0.51 15.09 -2.91
C4 PEG M . -0.62 14.82 -3.93
O4 PEG M . -1.94 14.50 -3.41
C1 PGE N . 3.37 13.36 8.29
O1 PGE N . 4.09 14.49 7.73
C2 PGE N . 4.14 12.01 8.26
O2 PGE N . 5.18 11.98 7.26
C3 PGE N . 6.53 11.84 7.69
C4 PGE N . 7.36 12.92 7.04
O4 PGE N . 8.44 14.97 4.58
C6 PGE N . 7.06 15.28 4.77
C5 PGE N . 6.22 14.08 5.20
O3 PGE N . 7.04 12.98 5.65
#